data_5DC8
#
_entry.id   5DC8
#
_cell.length_a   82.800
_cell.length_b   97.887
_cell.length_c   104.612
_cell.angle_alpha   90.00
_cell.angle_beta   90.00
_cell.angle_gamma   90.00
#
_symmetry.space_group_name_H-M   'P 21 21 21'
#
loop_
_entity.id
_entity.type
_entity.pdbx_description
1 polymer 'Histone deacetylase 8'
2 polymer 'Fluor-de-Lys tetrapeptide assay substrate'
3 non-polymer 'ZINC ION'
4 non-polymer 'POTASSIUM ION'
5 non-polymer GLYCEROL
6 water water
#
loop_
_entity_poly.entity_id
_entity_poly.type
_entity_poly.pdbx_seq_one_letter_code
_entity_poly.pdbx_strand_id
1 'polypeptide(L)'
;MEEPEEPADSGQSLVPVYIYSPEYVSMCDSLAKIPKRASMVHSLIEAYALHKQMRIVKPKVASMEEMATFHTDAYLQHLQ
KVSQEGDDDHPDSIEYGLGYDCPATEGIFDYAAAIGGATITAAQCLIDGMCKVAINWSGGWAHAKKDEASGFCYLNDAVL
GILRLRRKFERILYVDLDLHHGDGVEDAFSFTSKVMTVSLHKFSPGFFPGTGDVSDVGLGKGRYYSVNVPIQDGIQDEKY
YQICESVLKEVYQAFNPKAVVLQLGADTIAGDPMCSFNMTPVGIGKCLKYILQWQLATLILGGGGFNLANTARCWTYLTG
VILGKTLSSEIPDHEFFTAYGPDYVLEITPSCRPDRNEPHRIQQILNYIKGNLKHVVIEGRGSHHHHHH
;
A,B
2 'polypeptide(L)' (ACE)RH(ALY)(ALY)(MCM) C,D
#
loop_
_chem_comp.id
_chem_comp.type
_chem_comp.name
_chem_comp.formula
ACE non-polymer 'ACETYL GROUP' 'C2 H4 O'
GOL non-polymer GLYCEROL 'C3 H8 O3'
K non-polymer 'POTASSIUM ION' 'K 1'
MCM non-polymer 7-AMINO-4-METHYL-CHROMEN-2-ONE 'C10 H9 N O2'
ZN non-polymer 'ZINC ION' 'Zn 2'
#
# COMPACT_ATOMS: atom_id res chain seq x y z
N LEU A 14 -38.01 -9.32 5.57
CA LEU A 14 -38.45 -8.26 4.66
C LEU A 14 -37.28 -7.68 3.86
N VAL A 15 -37.24 -6.35 3.76
CA VAL A 15 -36.22 -5.69 2.95
C VAL A 15 -34.89 -5.64 3.72
N PRO A 16 -33.77 -5.55 3.00
CA PRO A 16 -32.49 -5.53 3.72
C PRO A 16 -32.34 -4.29 4.59
N VAL A 17 -31.63 -4.45 5.70
CA VAL A 17 -31.22 -3.34 6.54
C VAL A 17 -29.90 -2.77 6.02
N TYR A 18 -29.84 -1.46 5.97
CA TYR A 18 -28.66 -0.69 5.57
C TYR A 18 -28.24 0.17 6.75
N ILE A 19 -27.10 -0.15 7.35
CA ILE A 19 -26.62 0.62 8.50
C ILE A 19 -25.98 1.90 8.01
N TYR A 20 -26.56 3.03 8.42
CA TYR A 20 -26.14 4.32 7.88
C TYR A 20 -26.62 5.47 8.75
N SER A 21 -25.74 6.46 8.92
CA SER A 21 -26.12 7.82 9.29
C SER A 21 -25.06 8.74 8.70
N PRO A 22 -25.39 10.01 8.48
N PRO A 22 -25.39 10.02 8.49
CA PRO A 22 -24.39 10.94 7.98
CA PRO A 22 -24.34 10.90 7.95
C PRO A 22 -23.18 11.04 8.91
C PRO A 22 -23.16 11.07 8.91
N GLU A 23 -23.42 11.05 10.21
CA GLU A 23 -22.35 11.16 11.19
C GLU A 23 -21.45 9.92 11.15
N TYR A 24 -22.06 8.75 10.97
CA TYR A 24 -21.29 7.52 10.91
C TYR A 24 -20.37 7.52 9.69
N VAL A 25 -20.92 7.89 8.54
CA VAL A 25 -20.11 7.96 7.32
C VAL A 25 -18.95 8.92 7.49
N SER A 26 -19.22 10.06 8.12
N SER A 26 -19.21 10.07 8.11
CA SER A 26 -18.21 11.06 8.35
CA SER A 26 -18.14 11.05 8.29
C SER A 26 -17.05 10.52 9.19
C SER A 26 -17.03 10.53 9.20
N MET A 27 -17.37 9.77 10.24
CA MET A 27 -16.35 9.13 11.05
C MET A 27 -15.53 8.14 10.23
N CYS A 28 -16.23 7.32 9.46
N CYS A 28 -16.21 7.28 9.47
CA CYS A 28 -15.56 6.28 8.68
CA CYS A 28 -15.49 6.27 8.69
C CYS A 28 -14.66 6.88 7.61
C CYS A 28 -14.60 6.91 7.62
N ASP A 29 -15.02 8.06 7.11
CA ASP A 29 -14.20 8.79 6.14
C ASP A 29 -12.83 9.20 6.67
N SER A 30 -12.66 9.18 7.99
CA SER A 30 -11.42 9.61 8.63
C SER A 30 -10.34 8.52 8.83
N LEU A 31 -10.65 7.28 8.46
N LEU A 31 -10.66 7.28 8.46
CA LEU A 31 -9.70 6.19 8.61
CA LEU A 31 -9.70 6.18 8.56
C LEU A 31 -8.52 6.38 7.64
C LEU A 31 -8.52 6.47 7.65
N ALA A 32 -7.32 6.29 8.20
CA ALA A 32 -6.08 6.76 7.54
C ALA A 32 -5.82 6.24 6.13
N LYS A 33 -6.12 4.97 5.88
CA LYS A 33 -5.75 4.37 4.62
C LYS A 33 -6.86 4.43 3.57
N ILE A 34 -8.02 4.94 3.95
CA ILE A 34 -9.16 5.00 3.03
C ILE A 34 -9.97 6.30 3.16
N PRO A 35 -9.29 7.46 3.13
N PRO A 35 -9.29 7.45 3.16
CA PRO A 35 -10.03 8.71 3.35
CA PRO A 35 -10.03 8.70 3.37
C PRO A 35 -11.11 8.91 2.30
C PRO A 35 -11.10 8.91 2.30
N LYS A 36 -12.29 9.33 2.75
CA LYS A 36 -13.43 9.64 1.88
C LYS A 36 -14.14 8.42 1.29
N ARG A 37 -13.62 7.22 1.53
CA ARG A 37 -14.18 6.06 0.85
C ARG A 37 -15.62 5.80 1.27
N ALA A 38 -15.92 5.98 2.55
CA ALA A 38 -17.27 5.69 3.03
C ALA A 38 -18.29 6.62 2.36
N SER A 39 -17.92 7.89 2.20
CA SER A 39 -18.80 8.83 1.51
C SER A 39 -18.98 8.45 0.05
N MET A 40 -17.92 8.00 -0.61
CA MET A 40 -18.04 7.63 -2.03
C MET A 40 -18.97 6.44 -2.21
N VAL A 41 -18.85 5.46 -1.32
CA VAL A 41 -19.67 4.25 -1.38
C VAL A 41 -21.15 4.63 -1.15
N HIS A 42 -21.41 5.35 -0.06
CA HIS A 42 -22.78 5.71 0.23
C HIS A 42 -23.38 6.59 -0.87
N SER A 43 -22.59 7.55 -1.34
N SER A 43 -22.61 7.56 -1.36
CA SER A 43 -23.06 8.50 -2.36
CA SER A 43 -23.17 8.49 -2.34
C SER A 43 -23.50 7.77 -3.62
C SER A 43 -23.47 7.82 -3.68
N LEU A 44 -22.73 6.76 -4.02
CA LEU A 44 -23.04 6.01 -5.26
C LEU A 44 -24.28 5.13 -5.06
N ILE A 45 -24.39 4.49 -3.89
CA ILE A 45 -25.59 3.72 -3.55
C ILE A 45 -26.83 4.63 -3.60
N GLU A 46 -26.71 5.82 -3.02
CA GLU A 46 -27.79 6.80 -3.02
C GLU A 46 -28.12 7.28 -4.44
N ALA A 47 -27.09 7.47 -5.25
CA ALA A 47 -27.28 7.93 -6.63
C ALA A 47 -28.06 6.93 -7.48
N TYR A 48 -27.89 5.65 -7.19
CA TYR A 48 -28.69 4.61 -7.82
C TYR A 48 -30.04 4.39 -7.11
N ALA A 49 -30.31 5.21 -6.09
CA ALA A 49 -31.57 5.17 -5.33
C ALA A 49 -31.79 3.84 -4.59
N LEU A 50 -30.72 3.10 -4.31
CA LEU A 50 -30.86 1.81 -3.66
C LEU A 50 -31.29 1.91 -2.20
N HIS A 51 -30.96 3.02 -1.56
CA HIS A 51 -31.34 3.20 -0.16
C HIS A 51 -32.86 3.25 0.01
N LYS A 52 -33.58 3.64 -1.04
N LYS A 52 -33.58 3.64 -1.04
CA LYS A 52 -35.04 3.70 -0.98
CA LYS A 52 -35.04 3.70 -1.00
C LYS A 52 -35.68 2.31 -0.97
C LYS A 52 -35.65 2.31 -0.86
N GLN A 53 -34.87 1.30 -1.25
CA GLN A 53 -35.33 -0.08 -1.24
C GLN A 53 -34.84 -0.85 -0.02
N MET A 54 -34.24 -0.14 0.93
CA MET A 54 -33.69 -0.74 2.14
C MET A 54 -34.23 -0.05 3.37
N ARG A 55 -34.13 -0.71 4.51
CA ARG A 55 -34.53 -0.11 5.77
C ARG A 55 -33.27 0.50 6.39
N ILE A 56 -33.22 1.81 6.43
CA ILE A 56 -32.05 2.52 6.93
C ILE A 56 -32.10 2.53 8.45
N VAL A 57 -31.04 2.02 9.07
CA VAL A 57 -30.97 1.91 10.52
C VAL A 57 -29.72 2.63 11.00
N LYS A 58 -29.92 3.57 11.94
CA LYS A 58 -28.81 4.30 12.54
C LYS A 58 -28.02 3.37 13.45
N PRO A 59 -26.69 3.35 13.32
CA PRO A 59 -25.92 2.44 14.17
C PRO A 59 -25.82 2.95 15.60
N LYS A 60 -25.76 2.03 16.55
CA LYS A 60 -25.45 2.39 17.93
C LYS A 60 -23.94 2.31 18.14
N VAL A 61 -23.39 3.08 19.07
N VAL A 61 -23.38 3.09 19.05
CA VAL A 61 -21.96 3.01 19.36
CA VAL A 61 -21.96 2.97 19.33
C VAL A 61 -21.69 1.81 20.27
C VAL A 61 -21.74 1.73 20.20
N ALA A 62 -20.59 1.08 20.03
CA ALA A 62 -20.27 -0.06 20.89
C ALA A 62 -19.91 0.45 22.28
N SER A 63 -20.41 -0.20 23.31
CA SER A 63 -20.01 0.14 24.67
C SER A 63 -18.66 -0.49 25.01
N MET A 64 -18.04 0.00 26.08
CA MET A 64 -16.78 -0.59 26.50
C MET A 64 -16.95 -2.07 26.85
N GLU A 65 -18.07 -2.39 27.48
CA GLU A 65 -18.36 -3.78 27.84
C GLU A 65 -18.49 -4.67 26.62
N GLU A 66 -19.13 -4.16 25.56
CA GLU A 66 -19.20 -4.90 24.31
C GLU A 66 -17.82 -5.11 23.70
N MET A 67 -17.03 -4.06 23.65
CA MET A 67 -15.71 -4.19 23.04
C MET A 67 -14.84 -5.17 23.81
N ALA A 68 -14.99 -5.17 25.14
CA ALA A 68 -14.14 -5.98 26.02
C ALA A 68 -14.53 -7.45 26.03
N THR A 69 -15.60 -7.83 25.37
CA THR A 69 -15.90 -9.26 25.27
C THR A 69 -14.94 -9.97 24.30
N PHE A 70 -14.21 -9.19 23.50
CA PHE A 70 -13.13 -9.74 22.67
C PHE A 70 -11.79 -9.09 22.98
N HIS A 71 -11.74 -7.78 23.00
CA HIS A 71 -10.48 -7.07 23.18
C HIS A 71 -10.09 -6.96 24.65
N THR A 72 -8.78 -6.99 24.92
CA THR A 72 -8.32 -6.92 26.30
C THR A 72 -8.40 -5.49 26.83
N ASP A 73 -8.52 -5.38 28.14
CA ASP A 73 -8.62 -4.09 28.79
C ASP A 73 -7.38 -3.26 28.51
N ALA A 74 -6.21 -3.88 28.57
CA ALA A 74 -4.96 -3.14 28.38
C ALA A 74 -4.88 -2.55 26.96
N TYR A 75 -5.32 -3.32 25.97
CA TYR A 75 -5.31 -2.81 24.60
C TYR A 75 -6.35 -1.69 24.41
N LEU A 76 -7.57 -1.90 24.91
CA LEU A 76 -8.60 -0.87 24.80
C LEU A 76 -8.15 0.43 25.48
N GLN A 77 -7.49 0.29 26.63
CA GLN A 77 -6.99 1.46 27.36
C GLN A 77 -5.90 2.18 26.57
N HIS A 78 -5.01 1.43 25.94
CA HIS A 78 -3.97 2.06 25.15
C HIS A 78 -4.58 2.82 23.96
N LEU A 79 -5.50 2.17 23.27
CA LEU A 79 -6.10 2.77 22.09
C LEU A 79 -6.83 4.06 22.48
N GLN A 80 -7.57 4.02 23.58
N GLN A 80 -7.56 4.01 23.59
CA GLN A 80 -8.24 5.23 24.06
CA GLN A 80 -8.27 5.18 24.08
C GLN A 80 -7.25 6.35 24.31
C GLN A 80 -7.33 6.34 24.42
N LYS A 81 -6.18 6.01 25.01
CA LYS A 81 -5.18 7.01 25.39
C LYS A 81 -4.57 7.71 24.17
N VAL A 82 -4.12 6.94 23.18
CA VAL A 82 -3.46 7.57 22.04
C VAL A 82 -4.46 8.23 21.09
N SER A 83 -5.72 7.78 21.16
CA SER A 83 -6.75 8.35 20.33
C SER A 83 -7.12 9.79 20.72
N GLN A 84 -6.99 10.09 22.01
CA GLN A 84 -7.54 11.33 22.53
C GLN A 84 -6.99 12.57 21.81
N GLU A 85 -5.69 12.59 21.57
CA GLU A 85 -5.05 13.71 20.86
C GLU A 85 -4.30 13.26 19.60
N GLY A 86 -4.48 12.01 19.20
N GLY A 86 -4.35 11.98 19.31
CA GLY A 86 -3.86 11.53 17.98
CA GLY A 86 -3.54 11.42 18.24
C GLY A 86 -2.36 11.43 18.15
C GLY A 86 -2.07 11.40 18.57
N ASP A 87 -1.95 10.88 19.30
N ASP A 87 -1.67 10.57 19.53
CA ASP A 87 -0.55 10.73 19.59
CA ASP A 87 -0.27 10.49 19.95
C ASP A 87 -0.01 9.58 18.79
C ASP A 87 0.47 9.32 19.29
N ASP A 88 0.54 9.89 17.60
N ASP A 88 1.62 9.64 18.67
CA ASP A 88 1.10 8.86 16.74
CA ASP A 88 2.35 8.71 17.83
C ASP A 88 2.59 8.66 17.04
C ASP A 88 3.65 8.18 18.46
N ASP A 89 3.05 9.14 18.19
N ASP A 89 3.87 8.48 19.74
CA ASP A 89 4.45 8.99 18.56
CA ASP A 89 5.14 8.15 20.38
C ASP A 89 4.61 8.39 19.96
C ASP A 89 5.00 7.37 21.69
N HIS A 90 3.58 7.66 20.41
N HIS A 90 3.88 6.68 21.86
CA HIS A 90 3.64 7.04 21.73
CA HIS A 90 3.67 5.92 23.09
C HIS A 90 4.56 5.84 21.71
C HIS A 90 4.50 4.64 23.10
N PRO A 91 5.52 5.76 22.66
N PRO A 91 5.22 4.41 24.21
CA PRO A 91 6.53 4.70 22.58
CA PRO A 91 6.13 3.26 24.30
C PRO A 91 5.98 3.30 22.76
C PRO A 91 5.42 1.92 24.20
N ASP A 92 4.79 3.17 23.34
N ASP A 92 4.14 1.86 24.57
CA ASP A 92 4.22 1.85 23.58
CA ASP A 92 3.36 0.62 24.44
C ASP A 92 3.31 1.40 22.46
C ASP A 92 2.84 0.37 23.02
N SER A 93 3.13 2.23 21.43
N SER A 93 2.95 1.36 22.14
CA SER A 93 2.22 1.82 20.36
CA SER A 93 2.28 1.29 20.83
C SER A 93 2.62 0.52 19.64
C SER A 93 2.76 0.20 19.88
N ILE A 94 3.91 0.24 19.52
N ILE A 94 4.06 0.00 19.73
CA ILE A 94 4.33 -0.97 18.79
CA ILE A 94 4.55 -1.10 18.91
C ILE A 94 3.89 -2.32 19.44
C ILE A 94 3.92 -2.35 19.46
N GLU A 95 3.91 -2.42 20.77
CA GLU A 95 3.42 -3.60 21.47
C GLU A 95 1.96 -3.86 21.07
N TYR A 96 1.20 -2.79 20.90
CA TYR A 96 -0.23 -2.90 20.61
C TYR A 96 -0.56 -2.78 19.12
N GLY A 97 0.47 -2.89 18.26
CA GLY A 97 0.22 -2.95 16.83
C GLY A 97 0.01 -1.64 16.13
N LEU A 98 0.11 -0.52 16.85
N LEU A 98 0.12 -0.54 16.86
CA LEU A 98 -0.03 0.78 16.21
CA LEU A 98 -0.02 0.78 16.25
C LEU A 98 1.31 1.22 15.67
C LEU A 98 1.31 1.15 15.62
N GLY A 99 1.27 2.00 14.61
CA GLY A 99 2.47 2.31 13.84
C GLY A 99 2.07 2.60 12.41
N TYR A 100 2.81 2.04 11.47
CA TYR A 100 2.64 2.38 10.06
C TYR A 100 1.29 1.96 9.49
N ASP A 101 0.96 0.69 9.59
CA ASP A 101 -0.33 0.21 9.07
C ASP A 101 -1.50 0.81 9.84
N CYS A 102 -1.31 0.99 11.16
N CYS A 102 -1.31 1.00 11.15
CA CYS A 102 -2.39 1.41 12.06
CA CYS A 102 -2.39 1.40 12.05
C CYS A 102 -1.96 2.64 12.86
C CYS A 102 -1.98 2.63 12.86
N PRO A 103 -1.95 3.82 12.24
CA PRO A 103 -1.53 5.01 12.96
C PRO A 103 -2.56 5.39 14.02
N ALA A 104 -2.07 6.07 15.05
CA ALA A 104 -2.93 6.62 16.10
C ALA A 104 -3.63 7.92 15.65
N THR A 105 -4.50 7.79 14.65
N THR A 105 -4.53 7.79 14.68
CA THR A 105 -5.28 8.92 14.15
CA THR A 105 -5.33 8.93 14.22
C THR A 105 -6.15 9.51 15.27
C THR A 105 -6.16 9.44 15.39
N GLU A 106 -6.22 10.84 15.37
N GLU A 106 -6.12 10.75 15.62
CA GLU A 106 -7.02 11.44 16.43
CA GLU A 106 -6.89 11.33 16.72
C GLU A 106 -8.45 10.95 16.32
C GLU A 106 -8.37 11.01 16.56
N GLY A 107 -9.01 10.43 17.42
N GLY A 107 -8.93 10.30 17.53
CA GLY A 107 -10.38 9.96 17.37
CA GLY A 107 -10.33 9.92 17.48
C GLY A 107 -10.59 8.50 16.98
C GLY A 107 -10.58 8.51 16.97
N ILE A 108 -9.52 7.80 16.58
CA ILE A 108 -9.66 6.44 16.05
C ILE A 108 -10.36 5.48 17.03
N PHE A 109 -10.21 5.68 18.35
CA PHE A 109 -10.93 4.82 19.28
C PHE A 109 -12.44 4.98 19.09
N ASP A 110 -12.90 6.22 19.00
CA ASP A 110 -14.31 6.47 18.80
C ASP A 110 -14.79 6.06 17.41
N TYR A 111 -13.95 6.23 16.39
CA TYR A 111 -14.34 5.79 15.04
C TYR A 111 -14.48 4.28 15.03
N ALA A 112 -13.51 3.58 15.62
CA ALA A 112 -13.55 2.12 15.64
C ALA A 112 -14.73 1.62 16.49
N ALA A 113 -15.06 2.32 17.60
CA ALA A 113 -16.20 1.92 18.42
C ALA A 113 -17.49 2.12 17.64
N ALA A 114 -17.52 3.16 16.80
CA ALA A 114 -18.70 3.37 15.94
C ALA A 114 -18.85 2.25 14.92
N ILE A 115 -17.75 1.82 14.31
CA ILE A 115 -17.81 0.74 13.32
C ILE A 115 -18.18 -0.60 14.02
N GLY A 116 -17.59 -0.88 15.18
CA GLY A 116 -17.94 -2.08 15.92
C GLY A 116 -19.42 -2.04 16.30
N GLY A 117 -19.90 -0.89 16.76
CA GLY A 117 -21.31 -0.74 17.09
C GLY A 117 -22.21 -0.93 15.89
N ALA A 118 -21.77 -0.45 14.73
CA ALA A 118 -22.55 -0.61 13.51
C ALA A 118 -22.71 -2.09 13.13
N THR A 119 -21.64 -2.87 13.26
CA THR A 119 -21.74 -4.28 12.96
C THR A 119 -22.60 -5.01 14.00
N ILE A 120 -22.45 -4.64 15.27
CA ILE A 120 -23.31 -5.20 16.32
C ILE A 120 -24.78 -4.87 16.04
N THR A 121 -25.04 -3.64 15.59
CA THR A 121 -26.40 -3.22 15.29
C THR A 121 -26.99 -4.07 14.16
N ALA A 122 -26.19 -4.28 13.11
CA ALA A 122 -26.60 -5.17 12.01
C ALA A 122 -26.94 -6.58 12.53
N ALA A 123 -26.08 -7.11 13.39
CA ALA A 123 -26.31 -8.44 13.96
C ALA A 123 -27.60 -8.48 14.76
N GLN A 124 -27.84 -7.44 15.56
CA GLN A 124 -29.05 -7.40 16.37
C GLN A 124 -30.29 -7.35 15.48
N CYS A 125 -30.22 -6.65 14.35
CA CYS A 125 -31.35 -6.61 13.42
C CYS A 125 -31.67 -8.01 12.88
N LEU A 126 -30.62 -8.78 12.58
CA LEU A 126 -30.79 -10.15 12.12
C LEU A 126 -31.40 -11.04 13.21
N ILE A 127 -30.94 -10.89 14.44
CA ILE A 127 -31.49 -11.66 15.55
C ILE A 127 -32.96 -11.37 15.74
N ASP A 128 -33.33 -10.09 15.62
CA ASP A 128 -34.70 -9.67 15.86
C ASP A 128 -35.63 -10.03 14.69
N GLY A 129 -35.07 -10.52 13.60
CA GLY A 129 -35.89 -10.94 12.47
C GLY A 129 -36.41 -9.76 11.67
N MET A 130 -35.79 -8.61 11.88
N MET A 130 -35.78 -8.61 11.86
CA MET A 130 -36.13 -7.39 11.14
CA MET A 130 -36.14 -7.40 11.13
C MET A 130 -35.89 -7.57 9.64
C MET A 130 -35.88 -7.55 9.64
N CYS A 131 -34.91 -8.39 9.31
CA CYS A 131 -34.46 -8.55 7.93
C CYS A 131 -33.78 -9.91 7.83
N LYS A 132 -33.50 -10.35 6.61
CA LYS A 132 -32.64 -11.52 6.38
C LYS A 132 -31.22 -11.11 5.99
N VAL A 133 -31.04 -9.86 5.58
CA VAL A 133 -29.73 -9.34 5.19
C VAL A 133 -29.54 -7.97 5.85
N ALA A 134 -28.38 -7.76 6.48
CA ALA A 134 -28.07 -6.46 7.09
C ALA A 134 -26.68 -6.08 6.63
N ILE A 135 -26.53 -4.82 6.20
CA ILE A 135 -25.30 -4.34 5.55
C ILE A 135 -24.58 -3.28 6.36
N ASN A 136 -23.28 -3.50 6.60
CA ASN A 136 -22.39 -2.45 7.11
C ASN A 136 -21.16 -2.36 6.21
N TRP A 137 -21.25 -1.56 5.14
CA TRP A 137 -20.15 -1.49 4.21
C TRP A 137 -18.87 -0.87 4.78
N SER A 138 -18.98 -0.17 5.91
N SER A 138 -18.96 -0.21 5.93
CA SER A 138 -17.80 0.37 6.57
CA SER A 138 -17.75 0.34 6.54
C SER A 138 -17.16 -0.57 7.60
C SER A 138 -17.17 -0.55 7.63
N GLY A 139 -17.71 -1.76 7.76
CA GLY A 139 -17.13 -2.77 8.64
C GLY A 139 -16.27 -3.75 7.87
N GLY A 140 -15.89 -4.86 8.51
CA GLY A 140 -15.04 -5.87 7.86
C GLY A 140 -13.58 -5.85 8.24
N TRP A 141 -13.26 -5.32 9.43
CA TRP A 141 -11.86 -5.10 9.83
C TRP A 141 -11.28 -6.34 10.54
N ALA A 142 -11.05 -7.37 9.72
CA ALA A 142 -10.89 -8.75 10.18
C ALA A 142 -9.52 -9.09 10.75
N HIS A 143 -8.55 -8.19 10.64
CA HIS A 143 -7.19 -8.51 11.09
C HIS A 143 -6.93 -8.19 12.56
N ALA A 144 -7.75 -7.33 13.17
CA ALA A 144 -7.47 -6.93 14.56
C ALA A 144 -7.53 -8.12 15.50
N LYS A 145 -6.58 -8.15 16.42
CA LYS A 145 -6.51 -9.22 17.42
C LYS A 145 -7.03 -8.74 18.76
N LYS A 146 -7.16 -9.65 19.71
CA LYS A 146 -7.72 -9.25 21.01
C LYS A 146 -6.90 -8.13 21.65
N ASP A 147 -5.58 -8.14 21.42
CA ASP A 147 -4.68 -7.24 22.11
C ASP A 147 -3.76 -6.45 21.16
N GLU A 148 -4.19 -6.33 19.90
N GLU A 148 -4.10 -6.38 19.88
CA GLU A 148 -3.30 -5.82 18.86
CA GLU A 148 -3.33 -5.51 19.00
C GLU A 148 -4.08 -5.24 17.65
C GLU A 148 -4.03 -5.21 17.71
N ALA A 149 -3.78 -3.99 17.26
CA ALA A 149 -4.23 -3.51 15.96
C ALA A 149 -3.41 -4.22 14.88
N SER A 150 -3.99 -4.39 13.70
CA SER A 150 -3.27 -5.04 12.61
C SER A 150 -3.94 -4.71 11.30
N GLY A 151 -3.15 -4.48 10.24
CA GLY A 151 -3.72 -4.47 8.89
C GLY A 151 -4.82 -3.47 8.66
N PHE A 152 -4.65 -2.26 9.23
CA PHE A 152 -5.58 -1.14 9.11
C PHE A 152 -6.82 -1.34 9.98
N CYS A 153 -6.79 -2.35 10.84
CA CYS A 153 -7.90 -2.73 11.71
C CYS A 153 -7.54 -2.46 13.17
N TYR A 154 -8.43 -1.75 13.89
CA TYR A 154 -8.18 -1.39 15.28
C TYR A 154 -9.04 -2.21 16.23
N LEU A 155 -10.31 -2.33 15.90
CA LEU A 155 -11.22 -3.18 16.65
C LEU A 155 -11.81 -4.16 15.66
N ASN A 156 -11.96 -5.42 16.07
CA ASN A 156 -12.43 -6.41 15.12
C ASN A 156 -13.96 -6.46 15.12
N ASP A 157 -14.57 -5.64 14.25
CA ASP A 157 -16.02 -5.55 14.24
C ASP A 157 -16.65 -6.87 13.77
N ALA A 158 -15.96 -7.62 12.90
CA ALA A 158 -16.49 -8.90 12.46
C ALA A 158 -16.63 -9.87 13.64
N VAL A 159 -15.60 -9.97 14.47
CA VAL A 159 -15.69 -10.80 15.67
C VAL A 159 -16.83 -10.31 16.56
N LEU A 160 -16.93 -9.00 16.78
CA LEU A 160 -18.00 -8.49 17.64
C LEU A 160 -19.37 -8.84 17.08
N GLY A 161 -19.54 -8.75 15.76
CA GLY A 161 -20.80 -9.12 15.17
C GLY A 161 -21.11 -10.61 15.33
N ILE A 162 -20.11 -11.45 15.15
CA ILE A 162 -20.29 -12.89 15.32
C ILE A 162 -20.67 -13.22 16.76
N LEU A 163 -20.01 -12.58 17.72
CA LEU A 163 -20.33 -12.81 19.14
C LEU A 163 -21.75 -12.36 19.46
N ARG A 164 -22.25 -11.34 18.76
N ARG A 164 -22.24 -11.30 18.81
CA ARG A 164 -23.62 -10.91 18.94
CA ARG A 164 -23.65 -10.91 18.98
C ARG A 164 -24.59 -11.94 18.35
C ARG A 164 -24.57 -11.97 18.37
N LEU A 165 -24.28 -12.43 17.15
CA LEU A 165 -25.11 -13.45 16.52
C LEU A 165 -25.18 -14.75 17.33
N ARG A 166 -24.13 -15.07 18.06
CA ARG A 166 -24.10 -16.26 18.93
C ARG A 166 -25.19 -16.27 19.99
N ARG A 167 -25.80 -15.13 20.27
CA ARG A 167 -26.94 -15.13 21.19
C ARG A 167 -28.07 -16.02 20.69
N LYS A 168 -28.17 -16.15 19.36
N LYS A 168 -28.27 -16.06 19.38
CA LYS A 168 -29.24 -16.91 18.74
CA LYS A 168 -29.41 -16.78 18.86
C LYS A 168 -28.77 -18.11 17.92
C LYS A 168 -28.99 -17.88 17.92
N PHE A 169 -27.55 -18.06 17.39
N PHE A 169 -28.21 -17.49 16.93
CA PHE A 169 -27.07 -19.07 16.44
CA PHE A 169 -27.87 -18.39 15.86
C PHE A 169 -25.93 -19.94 16.97
C PHE A 169 -26.77 -19.32 16.33
N GLU A 170 -26.12 -21.25 16.86
N GLU A 170 -27.06 -20.61 16.30
CA GLU A 170 -25.17 -22.26 17.35
CA GLU A 170 -26.22 -21.57 16.99
C GLU A 170 -24.21 -22.63 16.25
C GLU A 170 -24.86 -21.82 16.32
N ARG A 171 -24.46 -22.08 15.08
N ARG A 171 -24.89 -21.98 14.99
CA ARG A 171 -23.39 -21.94 14.13
CA ARG A 171 -23.72 -22.22 14.16
C ARG A 171 -23.45 -20.76 13.20
C ARG A 171 -23.62 -21.17 13.11
N ILE A 172 -22.36 -20.02 13.25
N ILE A 172 -22.44 -20.58 13.05
CA ILE A 172 -22.12 -18.92 12.36
CA ILE A 172 -22.24 -19.39 12.26
C ILE A 172 -21.03 -19.35 11.36
C ILE A 172 -21.09 -19.58 11.32
N LEU A 173 -21.31 -19.19 10.07
CA LEU A 173 -20.28 -19.31 9.04
C LEU A 173 -19.76 -17.93 8.72
N TYR A 174 -18.45 -17.72 8.88
CA TYR A 174 -17.80 -16.50 8.45
C TYR A 174 -17.10 -16.79 7.12
N VAL A 175 -17.44 -16.03 6.09
CA VAL A 175 -16.82 -16.19 4.76
C VAL A 175 -16.14 -14.88 4.41
N ASP A 176 -14.83 -14.95 4.12
CA ASP A 176 -14.04 -13.74 3.91
C ASP A 176 -13.43 -13.78 2.52
N LEU A 177 -13.93 -12.90 1.65
CA LEU A 177 -13.48 -12.83 0.25
C LEU A 177 -12.52 -11.67 -0.01
N ASP A 178 -12.07 -11.02 1.06
CA ASP A 178 -11.03 -9.99 0.93
C ASP A 178 -9.74 -10.60 0.33
N LEU A 179 -8.89 -9.79 -0.29
CA LEU A 179 -7.62 -10.28 -0.80
C LEU A 179 -6.75 -10.94 0.29
N HIS A 180 -6.87 -10.45 1.52
CA HIS A 180 -5.99 -10.87 2.62
C HIS A 180 -6.68 -11.92 3.49
N HIS A 181 -5.88 -12.81 4.07
CA HIS A 181 -6.40 -13.82 4.99
C HIS A 181 -7.08 -13.15 6.17
N GLY A 182 -8.30 -13.59 6.48
CA GLY A 182 -9.06 -13.07 7.62
C GLY A 182 -8.56 -13.66 8.94
N ASP A 183 -7.31 -13.31 9.29
CA ASP A 183 -6.62 -13.97 10.39
C ASP A 183 -7.14 -13.65 11.79
N GLY A 184 -7.59 -12.42 12.04
CA GLY A 184 -8.06 -12.08 13.36
C GLY A 184 -9.34 -12.82 13.71
N VAL A 185 -10.24 -12.95 12.72
CA VAL A 185 -11.47 -13.71 12.93
C VAL A 185 -11.16 -15.20 13.11
N GLU A 186 -10.29 -15.74 12.26
CA GLU A 186 -9.90 -17.13 12.39
C GLU A 186 -9.30 -17.38 13.78
N ASP A 187 -8.38 -16.51 14.21
N ASP A 187 -8.40 -16.50 14.21
CA ASP A 187 -7.75 -16.69 15.53
CA ASP A 187 -7.75 -16.63 15.49
C ASP A 187 -8.78 -16.64 16.64
C ASP A 187 -8.74 -16.59 16.65
N ALA A 188 -9.72 -15.68 16.57
CA ALA A 188 -10.71 -15.52 17.64
C ALA A 188 -11.48 -16.81 17.86
N PHE A 189 -11.76 -17.54 16.78
CA PHE A 189 -12.60 -18.72 16.86
C PHE A 189 -11.85 -20.02 16.62
N SER A 190 -10.52 -19.98 16.63
N SER A 190 -10.53 -19.96 16.68
CA SER A 190 -9.72 -21.15 16.27
CA SER A 190 -9.70 -21.10 16.32
C SER A 190 -9.96 -22.39 17.13
C SER A 190 -10.02 -22.37 17.10
N PHE A 191 -10.36 -22.20 18.39
CA PHE A 191 -10.56 -23.31 19.31
C PHE A 191 -12.03 -23.70 19.48
N THR A 192 -12.93 -23.15 18.67
CA THR A 192 -14.33 -23.51 18.79
C THR A 192 -14.92 -24.03 17.49
N SER A 193 -15.96 -24.83 17.63
CA SER A 193 -16.69 -25.36 16.51
C SER A 193 -18.05 -24.69 16.31
N LYS A 194 -18.36 -23.64 17.08
CA LYS A 194 -19.62 -22.93 16.89
C LYS A 194 -19.54 -21.97 15.70
N VAL A 195 -18.33 -21.57 15.34
CA VAL A 195 -18.10 -20.65 14.24
C VAL A 195 -17.11 -21.30 13.30
N MET A 196 -17.49 -21.43 12.03
N MET A 196 -17.48 -21.49 12.04
CA MET A 196 -16.62 -21.97 10.99
CA MET A 196 -16.54 -21.96 11.05
C MET A 196 -16.12 -20.79 10.15
C MET A 196 -16.12 -20.75 10.25
N THR A 197 -14.80 -20.61 10.04
CA THR A 197 -14.27 -19.52 9.22
C THR A 197 -13.80 -20.09 7.89
N VAL A 198 -14.09 -19.37 6.81
CA VAL A 198 -13.64 -19.75 5.47
C VAL A 198 -13.04 -18.49 4.83
N SER A 199 -11.76 -18.56 4.47
CA SER A 199 -11.15 -17.41 3.83
C SER A 199 -10.53 -17.83 2.50
N LEU A 200 -10.80 -17.06 1.44
CA LEU A 200 -10.12 -17.19 0.15
C LEU A 200 -9.21 -15.97 0.08
N HIS A 201 -7.92 -16.15 -0.23
CA HIS A 201 -6.99 -15.01 -0.13
C HIS A 201 -5.72 -15.32 -0.88
N LYS A 202 -4.97 -14.27 -1.18
CA LYS A 202 -3.63 -14.45 -1.71
C LYS A 202 -2.75 -15.03 -0.62
N PHE A 203 -2.01 -16.07 -0.98
CA PHE A 203 -1.08 -16.70 -0.04
C PHE A 203 0.27 -16.87 -0.73
N SER A 204 1.24 -16.09 -0.31
CA SER A 204 2.56 -16.11 -0.92
C SER A 204 3.52 -15.53 0.09
N PRO A 205 4.67 -16.18 0.32
CA PRO A 205 5.55 -15.65 1.36
C PRO A 205 5.97 -14.19 1.13
N GLY A 206 5.81 -13.40 2.19
CA GLY A 206 6.01 -11.97 2.14
C GLY A 206 4.71 -11.19 2.02
N PHE A 207 3.60 -11.88 1.72
CA PHE A 207 2.34 -11.17 1.48
C PHE A 207 1.49 -11.21 2.76
N PHE A 208 1.04 -10.04 3.21
CA PHE A 208 0.33 -9.89 4.47
C PHE A 208 -0.94 -10.74 4.54
N PRO A 209 -1.24 -11.37 5.71
CA PRO A 209 -0.48 -11.37 6.96
C PRO A 209 0.49 -12.54 7.08
N GLY A 210 0.57 -13.40 6.07
CA GLY A 210 1.54 -14.48 6.05
C GLY A 210 0.99 -15.82 6.49
N THR A 211 -0.26 -15.84 6.90
CA THR A 211 -0.94 -17.03 7.41
C THR A 211 -2.07 -17.49 6.48
N GLY A 212 -2.66 -18.63 6.79
CA GLY A 212 -3.80 -19.12 6.03
C GLY A 212 -3.43 -20.06 4.90
N ASP A 213 -2.53 -20.99 5.16
CA ASP A 213 -2.29 -22.07 4.20
C ASP A 213 -3.43 -23.07 4.31
N VAL A 214 -3.56 -23.96 3.32
CA VAL A 214 -4.66 -24.92 3.32
C VAL A 214 -4.57 -25.89 4.50
N SER A 215 -3.36 -26.06 5.02
CA SER A 215 -3.10 -26.92 6.19
C SER A 215 -3.47 -26.26 7.52
N ASP A 216 -3.79 -24.97 7.50
CA ASP A 216 -4.28 -24.28 8.70
C ASP A 216 -5.77 -24.55 8.86
N VAL A 217 -6.11 -25.34 9.87
CA VAL A 217 -7.47 -25.85 10.02
C VAL A 217 -8.07 -25.58 11.41
N GLY A 218 -7.44 -24.73 12.20
CA GLY A 218 -7.88 -24.52 13.57
C GLY A 218 -7.21 -25.46 14.54
N LEU A 219 -7.58 -25.34 15.81
CA LEU A 219 -6.83 -25.99 16.89
C LEU A 219 -7.76 -26.58 17.93
N GLY A 220 -7.30 -27.62 18.63
CA GLY A 220 -8.07 -28.19 19.71
C GLY A 220 -9.47 -28.61 19.28
N LYS A 221 -10.46 -28.22 20.06
CA LYS A 221 -11.85 -28.56 19.75
C LYS A 221 -12.33 -27.88 18.46
N GLY A 222 -11.60 -26.86 17.99
CA GLY A 222 -11.90 -26.24 16.72
C GLY A 222 -11.21 -26.83 15.51
N ARG A 223 -10.45 -27.91 15.69
N ARG A 223 -10.45 -27.91 15.69
CA ARG A 223 -9.75 -28.48 14.55
CA ARG A 223 -9.76 -28.51 14.56
C ARG A 223 -10.74 -28.87 13.46
C ARG A 223 -10.75 -28.88 13.46
N TYR A 224 -10.46 -28.41 12.23
CA TYR A 224 -11.28 -28.63 11.03
C TYR A 224 -12.40 -27.61 10.86
N TYR A 225 -12.53 -26.69 11.82
CA TYR A 225 -13.52 -25.61 11.75
C TYR A 225 -12.93 -24.25 11.29
N SER A 226 -11.75 -24.32 10.68
CA SER A 226 -11.19 -23.20 9.93
C SER A 226 -10.83 -23.74 8.57
N VAL A 227 -11.19 -23.01 7.53
CA VAL A 227 -10.92 -23.40 6.14
C VAL A 227 -10.20 -22.25 5.46
N ASN A 228 -9.08 -22.57 4.82
CA ASN A 228 -8.29 -21.59 4.09
C ASN A 228 -8.02 -22.03 2.68
N VAL A 229 -8.23 -21.11 1.74
CA VAL A 229 -8.05 -21.41 0.34
C VAL A 229 -6.99 -20.47 -0.22
N PRO A 230 -5.73 -20.95 -0.28
CA PRO A 230 -4.64 -20.08 -0.72
C PRO A 230 -4.64 -19.97 -2.24
N ILE A 231 -4.61 -18.73 -2.75
CA ILE A 231 -4.72 -18.44 -4.17
C ILE A 231 -3.56 -17.56 -4.61
N GLN A 232 -3.12 -17.72 -5.86
CA GLN A 232 -2.03 -16.91 -6.42
C GLN A 232 -2.54 -15.72 -7.22
N ASP A 233 -1.62 -14.80 -7.53
CA ASP A 233 -1.94 -13.63 -8.33
C ASP A 233 -2.68 -13.96 -9.62
N GLY A 234 -3.54 -13.04 -10.03
CA GLY A 234 -4.08 -13.03 -11.37
C GLY A 234 -5.37 -13.79 -11.57
N ILE A 235 -5.96 -14.27 -10.48
CA ILE A 235 -7.21 -15.00 -10.62
C ILE A 235 -8.33 -14.10 -11.15
N GLN A 236 -9.13 -14.65 -12.05
CA GLN A 236 -10.26 -13.95 -12.64
C GLN A 236 -11.60 -14.60 -12.25
N ASP A 237 -12.69 -13.96 -12.68
CA ASP A 237 -14.02 -14.28 -12.15
C ASP A 237 -14.43 -15.74 -12.24
N GLU A 238 -14.23 -16.36 -13.40
CA GLU A 238 -14.76 -17.71 -13.60
C GLU A 238 -14.09 -18.73 -12.69
N LYS A 239 -12.75 -18.71 -12.65
CA LYS A 239 -12.02 -19.65 -11.82
C LYS A 239 -12.28 -19.38 -10.33
N TYR A 240 -12.31 -18.11 -9.95
CA TYR A 240 -12.59 -17.77 -8.56
C TYR A 240 -13.96 -18.33 -8.14
N TYR A 241 -14.99 -18.12 -8.96
CA TYR A 241 -16.32 -18.62 -8.59
C TYR A 241 -16.33 -20.15 -8.51
N GLN A 242 -15.63 -20.82 -9.43
CA GLN A 242 -15.54 -22.27 -9.39
C GLN A 242 -14.98 -22.75 -8.05
N ILE A 243 -13.90 -22.09 -7.60
CA ILE A 243 -13.28 -22.43 -6.33
C ILE A 243 -14.24 -22.16 -5.18
N CYS A 244 -14.81 -20.96 -5.17
CA CYS A 244 -15.64 -20.52 -4.07
C CYS A 244 -16.90 -21.42 -3.96
N GLU A 245 -17.53 -21.69 -5.09
CA GLU A 245 -18.71 -22.54 -5.07
C GLU A 245 -18.40 -23.95 -4.58
N SER A 246 -17.28 -24.51 -5.04
N SER A 246 -17.27 -24.51 -5.02
CA SER A 246 -16.88 -25.85 -4.63
CA SER A 246 -16.89 -25.86 -4.63
C SER A 246 -16.71 -25.92 -3.11
C SER A 246 -16.66 -25.95 -3.12
N VAL A 247 -16.00 -24.95 -2.57
CA VAL A 247 -15.74 -24.92 -1.14
C VAL A 247 -17.02 -24.67 -0.35
N LEU A 248 -17.80 -23.68 -0.76
CA LEU A 248 -19.00 -23.38 0.00
C LEU A 248 -20.03 -24.49 -0.05
N LYS A 249 -20.13 -25.19 -1.18
CA LYS A 249 -21.05 -26.33 -1.25
C LYS A 249 -20.67 -27.35 -0.19
N GLU A 250 -19.38 -27.65 -0.06
CA GLU A 250 -18.92 -28.65 0.89
C GLU A 250 -19.09 -28.17 2.33
N VAL A 251 -18.80 -26.91 2.57
N VAL A 251 -18.81 -26.90 2.59
CA VAL A 251 -18.93 -26.33 3.90
CA VAL A 251 -18.92 -26.38 3.95
C VAL A 251 -20.39 -26.33 4.35
C VAL A 251 -20.39 -26.25 4.39
N TYR A 252 -21.27 -25.92 3.45
CA TYR A 252 -22.69 -25.85 3.78
C TYR A 252 -23.25 -27.21 4.18
N GLN A 253 -22.89 -28.23 3.43
CA GLN A 253 -23.35 -29.60 3.69
C GLN A 253 -22.77 -30.16 4.99
N ALA A 254 -21.51 -29.86 5.28
CA ALA A 254 -20.87 -30.40 6.48
C ALA A 254 -21.26 -29.67 7.75
N PHE A 255 -21.30 -28.35 7.68
CA PHE A 255 -21.45 -27.50 8.86
C PHE A 255 -22.89 -27.05 9.17
N ASN A 256 -23.75 -27.01 8.17
N ASN A 256 -23.73 -26.99 8.16
CA ASN A 256 -25.14 -26.59 8.36
CA ASN A 256 -25.14 -26.60 8.34
C ASN A 256 -25.27 -25.28 9.16
C ASN A 256 -25.31 -25.30 9.12
N PRO A 257 -24.72 -24.19 8.62
CA PRO A 257 -24.78 -22.93 9.35
C PRO A 257 -26.21 -22.39 9.47
N LYS A 258 -26.44 -21.64 10.55
N LYS A 258 -26.46 -21.60 10.51
CA LYS A 258 -27.70 -20.96 10.84
CA LYS A 258 -27.76 -20.93 10.64
C LYS A 258 -27.66 -19.46 10.51
C LYS A 258 -27.67 -19.44 10.42
N ALA A 259 -26.46 -18.93 10.37
CA ALA A 259 -26.24 -17.52 10.02
C ALA A 259 -24.90 -17.41 9.34
N VAL A 260 -24.75 -16.37 8.51
CA VAL A 260 -23.53 -16.12 7.76
C VAL A 260 -23.06 -14.68 7.96
N VAL A 261 -21.76 -14.51 8.15
CA VAL A 261 -21.16 -13.18 8.10
C VAL A 261 -20.22 -13.21 6.90
N LEU A 262 -20.42 -12.28 5.98
CA LEU A 262 -19.73 -12.29 4.69
C LEU A 262 -18.95 -10.99 4.50
N GLN A 263 -17.63 -11.11 4.43
CA GLN A 263 -16.73 -9.96 4.29
C GLN A 263 -16.33 -9.89 2.80
N LEU A 264 -16.57 -8.73 2.19
CA LEU A 264 -16.45 -8.56 0.73
C LEU A 264 -15.43 -7.49 0.36
N GLY A 265 -14.28 -7.47 1.03
CA GLY A 265 -13.26 -6.48 0.72
C GLY A 265 -12.93 -6.46 -0.76
N ALA A 266 -12.89 -5.25 -1.34
CA ALA A 266 -12.78 -5.04 -2.78
C ALA A 266 -11.33 -4.87 -3.25
N ASP A 267 -10.37 -5.27 -2.43
CA ASP A 267 -8.98 -5.22 -2.83
C ASP A 267 -8.56 -6.38 -3.75
N THR A 268 -9.52 -7.23 -4.11
CA THR A 268 -9.34 -8.27 -5.13
C THR A 268 -9.64 -7.75 -6.56
N ILE A 269 -10.24 -6.58 -6.66
CA ILE A 269 -10.81 -6.10 -7.90
C ILE A 269 -9.73 -5.48 -8.81
N ALA A 270 -9.76 -5.83 -10.09
CA ALA A 270 -8.84 -5.23 -11.06
C ALA A 270 -8.78 -3.71 -10.89
N GLY A 271 -7.57 -3.15 -10.95
CA GLY A 271 -7.40 -1.72 -10.74
C GLY A 271 -6.97 -1.35 -9.33
N ASP A 272 -7.05 -2.27 -8.38
CA ASP A 272 -6.60 -1.97 -7.03
C ASP A 272 -5.08 -1.73 -7.10
N PRO A 273 -4.55 -0.75 -6.37
CA PRO A 273 -3.09 -0.57 -6.43
C PRO A 273 -2.31 -1.78 -5.95
N MET A 274 -2.92 -2.64 -5.13
CA MET A 274 -2.23 -3.86 -4.72
C MET A 274 -1.98 -4.83 -5.88
N CYS A 275 -2.79 -4.71 -6.94
N CYS A 275 -2.73 -4.71 -6.97
CA CYS A 275 -2.48 -5.35 -8.22
CA CYS A 275 -2.43 -5.43 -8.22
C CYS A 275 -2.10 -6.82 -8.05
C CYS A 275 -2.17 -6.91 -8.06
N SER A 276 -2.98 -7.58 -7.40
N SER A 276 -2.99 -7.57 -7.26
CA SER A 276 -2.73 -8.99 -7.11
CA SER A 276 -2.78 -8.98 -7.01
C SER A 276 -3.76 -9.87 -7.80
C SER A 276 -3.77 -9.83 -7.80
N PHE A 277 -5.00 -9.88 -7.32
CA PHE A 277 -6.05 -10.60 -8.02
C PHE A 277 -6.55 -9.76 -9.20
N ASN A 278 -7.42 -10.34 -10.03
CA ASN A 278 -7.85 -9.65 -11.24
C ASN A 278 -9.36 -9.86 -11.43
N MET A 279 -10.10 -9.63 -10.36
CA MET A 279 -11.53 -9.89 -10.29
C MET A 279 -12.38 -8.72 -10.76
N THR A 280 -13.63 -8.99 -11.08
CA THR A 280 -14.59 -7.90 -11.24
C THR A 280 -15.74 -8.10 -10.24
N PRO A 281 -16.56 -7.07 -10.03
CA PRO A 281 -17.67 -7.23 -9.09
C PRO A 281 -18.66 -8.32 -9.53
N VAL A 282 -18.70 -8.63 -10.81
CA VAL A 282 -19.62 -9.69 -11.27
C VAL A 282 -19.23 -11.06 -10.71
N GLY A 283 -17.92 -11.35 -10.64
CA GLY A 283 -17.48 -12.62 -10.08
C GLY A 283 -17.78 -12.72 -8.60
N ILE A 284 -17.47 -11.67 -7.86
CA ILE A 284 -17.78 -11.63 -6.44
C ILE A 284 -19.31 -11.74 -6.26
N GLY A 285 -20.06 -11.07 -7.14
CA GLY A 285 -21.51 -11.13 -7.10
C GLY A 285 -22.06 -12.53 -7.23
N LYS A 286 -21.42 -13.37 -8.03
N LYS A 286 -21.42 -13.37 -8.03
CA LYS A 286 -21.88 -14.77 -8.15
CA LYS A 286 -21.85 -14.77 -8.16
C LYS A 286 -21.67 -15.55 -6.85
C LYS A 286 -21.68 -15.51 -6.83
N CYS A 287 -20.56 -15.27 -6.15
CA CYS A 287 -20.33 -15.87 -4.84
C CYS A 287 -21.40 -15.40 -3.84
N LEU A 288 -21.66 -14.11 -3.85
CA LEU A 288 -22.69 -13.53 -2.99
C LEU A 288 -24.06 -14.19 -3.27
N LYS A 289 -24.41 -14.34 -4.55
CA LYS A 289 -25.70 -14.94 -4.91
C LYS A 289 -25.80 -16.36 -4.38
N TYR A 290 -24.71 -17.10 -4.45
CA TYR A 290 -24.70 -18.48 -3.98
C TYR A 290 -25.03 -18.52 -2.48
N ILE A 291 -24.43 -17.61 -1.72
CA ILE A 291 -24.69 -17.54 -0.29
C ILE A 291 -26.12 -17.07 0.01
N LEU A 292 -26.61 -16.08 -0.73
CA LEU A 292 -27.94 -15.57 -0.47
C LEU A 292 -29.02 -16.62 -0.73
N GLN A 293 -28.76 -17.55 -1.64
CA GLN A 293 -29.79 -18.53 -1.96
C GLN A 293 -29.98 -19.55 -0.83
N TRP A 294 -29.06 -19.58 0.12
CA TRP A 294 -29.28 -20.37 1.34
C TRP A 294 -30.40 -19.81 2.21
N GLN A 295 -30.77 -18.55 2.00
N GLN A 295 -30.76 -18.55 1.99
CA GLN A 295 -31.87 -17.93 2.74
CA GLN A 295 -31.83 -17.88 2.73
C GLN A 295 -31.64 -17.93 4.26
C GLN A 295 -31.63 -17.92 4.25
N LEU A 296 -30.40 -17.66 4.67
CA LEU A 296 -30.06 -17.54 6.09
C LEU A 296 -29.85 -16.08 6.45
N ALA A 297 -29.99 -15.76 7.74
CA ALA A 297 -29.56 -14.47 8.26
C ALA A 297 -28.13 -14.21 7.82
N THR A 298 -27.90 -13.11 7.09
CA THR A 298 -26.60 -12.80 6.51
C THR A 298 -26.20 -11.36 6.79
N LEU A 299 -25.02 -11.21 7.39
CA LEU A 299 -24.45 -9.91 7.75
C LEU A 299 -23.37 -9.60 6.74
N ILE A 300 -23.56 -8.52 5.99
CA ILE A 300 -22.66 -8.17 4.88
C ILE A 300 -21.71 -7.05 5.34
N LEU A 301 -20.40 -7.28 5.16
CA LEU A 301 -19.37 -6.32 5.55
C LEU A 301 -18.50 -5.95 4.36
N GLY A 302 -17.88 -4.77 4.45
CA GLY A 302 -16.84 -4.38 3.51
C GLY A 302 -15.48 -4.92 3.91
N GLY A 303 -14.45 -4.09 3.81
CA GLY A 303 -13.10 -4.47 4.19
C GLY A 303 -12.10 -3.66 3.40
N GLY A 304 -11.08 -4.32 2.87
CA GLY A 304 -10.10 -3.60 2.04
C GLY A 304 -10.70 -3.10 0.72
N GLY A 305 -9.89 -2.34 -0.02
CA GLY A 305 -10.31 -1.79 -1.31
C GLY A 305 -9.69 -0.41 -1.39
N PHE A 306 -8.65 -0.29 -2.21
CA PHE A 306 -7.78 0.89 -2.20
C PHE A 306 -7.78 1.63 -3.52
N ASN A 307 -8.62 1.20 -4.46
CA ASN A 307 -9.05 2.04 -5.56
C ASN A 307 -10.43 2.46 -5.16
N LEU A 308 -10.57 3.71 -4.72
CA LEU A 308 -11.78 4.10 -4.01
C LEU A 308 -13.00 4.08 -4.92
N ALA A 309 -12.86 4.61 -6.13
CA ALA A 309 -13.99 4.59 -7.05
C ALA A 309 -14.37 3.15 -7.42
N ASN A 310 -13.39 2.28 -7.64
CA ASN A 310 -13.72 0.89 -7.94
C ASN A 310 -14.38 0.18 -6.77
N THR A 311 -13.98 0.54 -5.54
CA THR A 311 -14.60 -0.09 -4.37
C THR A 311 -16.06 0.34 -4.28
N ALA A 312 -16.33 1.62 -4.55
CA ALA A 312 -17.71 2.09 -4.60
C ALA A 312 -18.48 1.40 -5.74
N ARG A 313 -17.87 1.26 -6.93
CA ARG A 313 -18.53 0.52 -8.02
C ARG A 313 -18.89 -0.90 -7.57
N CYS A 314 -17.93 -1.55 -6.91
CA CYS A 314 -18.11 -2.94 -6.50
C CYS A 314 -19.24 -3.08 -5.49
N TRP A 315 -19.16 -2.31 -4.40
CA TRP A 315 -20.15 -2.48 -3.35
C TRP A 315 -21.53 -1.99 -3.78
N THR A 316 -21.59 -1.01 -4.68
N THR A 316 -21.61 -1.03 -4.69
CA THR A 316 -22.88 -0.58 -5.20
CA THR A 316 -22.93 -0.59 -5.17
C THR A 316 -23.50 -1.70 -6.02
C THR A 316 -23.54 -1.62 -6.12
N TYR A 317 -22.70 -2.29 -6.91
CA TYR A 317 -23.14 -3.42 -7.70
C TYR A 317 -23.63 -4.56 -6.78
N LEU A 318 -22.88 -4.87 -5.72
CA LEU A 318 -23.26 -5.96 -4.83
C LEU A 318 -24.55 -5.63 -4.05
N THR A 319 -24.75 -4.36 -3.73
CA THR A 319 -26.01 -3.94 -3.10
C THR A 319 -27.17 -4.21 -4.07
N GLY A 320 -26.95 -3.92 -5.36
CA GLY A 320 -27.93 -4.28 -6.38
C GLY A 320 -28.19 -5.78 -6.43
N VAL A 321 -27.15 -6.61 -6.31
CA VAL A 321 -27.34 -8.06 -6.25
C VAL A 321 -28.23 -8.45 -5.06
N ILE A 322 -27.97 -7.88 -3.90
CA ILE A 322 -28.75 -8.18 -2.70
C ILE A 322 -30.23 -7.84 -2.93
N LEU A 323 -30.48 -6.75 -3.65
CA LEU A 323 -31.83 -6.26 -3.92
C LEU A 323 -32.48 -6.89 -5.14
N GLY A 324 -31.76 -7.76 -5.84
CA GLY A 324 -32.26 -8.36 -7.08
C GLY A 324 -32.50 -7.37 -8.20
N LYS A 325 -31.69 -6.30 -8.25
CA LYS A 325 -31.88 -5.26 -9.25
C LYS A 325 -30.75 -5.24 -10.26
N THR A 326 -31.10 -4.91 -11.49
CA THR A 326 -30.09 -4.68 -12.51
C THR A 326 -29.85 -3.18 -12.61
N LEU A 327 -28.61 -2.77 -12.37
CA LEU A 327 -28.29 -1.35 -12.35
C LEU A 327 -27.87 -0.87 -13.72
N SER A 328 -28.21 0.38 -14.03
CA SER A 328 -27.73 1.02 -15.26
C SER A 328 -26.20 1.07 -15.29
N SER A 329 -25.64 0.82 -16.47
N SER A 329 -25.62 0.86 -16.47
CA SER A 329 -24.20 0.87 -16.69
CA SER A 329 -24.18 0.93 -16.62
C SER A 329 -23.65 2.27 -16.49
C SER A 329 -23.65 2.35 -16.43
N GLU A 330 -24.49 3.27 -16.69
N GLU A 330 -24.41 3.36 -16.85
CA GLU A 330 -24.06 4.66 -16.60
CA GLU A 330 -23.93 4.73 -16.65
C GLU A 330 -23.99 5.15 -15.15
C GLU A 330 -23.96 5.15 -15.19
N ILE A 331 -22.85 5.67 -14.72
CA ILE A 331 -22.74 6.22 -13.37
C ILE A 331 -23.64 7.45 -13.29
N PRO A 332 -24.60 7.47 -12.36
CA PRO A 332 -25.46 8.67 -12.25
C PRO A 332 -24.72 9.88 -11.69
N ASP A 333 -25.24 11.06 -11.99
CA ASP A 333 -24.70 12.28 -11.40
C ASP A 333 -24.82 12.20 -9.88
N HIS A 334 -23.78 12.66 -9.19
CA HIS A 334 -23.74 12.69 -7.74
C HIS A 334 -22.48 13.44 -7.32
N GLU A 335 -22.25 13.56 -6.01
CA GLU A 335 -21.17 14.37 -5.47
C GLU A 335 -19.79 14.01 -6.05
N PHE A 336 -19.54 12.72 -6.28
CA PHE A 336 -18.22 12.25 -6.71
C PHE A 336 -18.21 11.82 -8.17
N PHE A 337 -19.15 12.34 -8.97
CA PHE A 337 -19.24 11.94 -10.37
C PHE A 337 -17.88 11.99 -11.10
N THR A 338 -17.11 13.04 -10.90
CA THR A 338 -15.83 13.18 -11.63
C THR A 338 -14.81 12.09 -11.28
N ALA A 339 -14.99 11.40 -10.15
CA ALA A 339 -14.10 10.31 -9.77
C ALA A 339 -14.22 9.11 -10.72
N TYR A 340 -15.29 9.08 -11.52
CA TYR A 340 -15.59 7.93 -12.38
C TYR A 340 -15.22 8.15 -13.84
N GLY A 341 -14.59 9.29 -14.14
CA GLY A 341 -14.20 9.59 -15.51
C GLY A 341 -12.98 8.79 -15.95
N PRO A 342 -12.71 8.75 -17.26
CA PRO A 342 -13.43 9.49 -18.31
C PRO A 342 -14.61 8.74 -18.92
N ASP A 343 -14.84 7.50 -18.52
CA ASP A 343 -15.87 6.67 -19.15
C ASP A 343 -17.18 6.62 -18.39
N TYR A 344 -17.13 6.84 -17.08
CA TYR A 344 -18.34 6.95 -16.27
C TYR A 344 -19.25 5.72 -16.36
N VAL A 345 -18.66 4.54 -16.26
CA VAL A 345 -19.45 3.31 -16.23
C VAL A 345 -19.22 2.50 -14.97
N LEU A 346 -20.19 1.66 -14.65
CA LEU A 346 -20.16 0.85 -13.44
C LEU A 346 -19.25 -0.37 -13.58
N GLU A 347 -19.11 -0.89 -14.79
CA GLU A 347 -18.36 -2.12 -15.02
C GLU A 347 -16.88 -1.88 -14.93
N ILE A 348 -16.16 -2.92 -14.49
CA ILE A 348 -14.70 -2.87 -14.38
C ILE A 348 -14.12 -3.91 -15.31
N THR A 349 -13.07 -3.56 -16.04
CA THR A 349 -12.41 -4.45 -16.99
C THR A 349 -11.17 -5.08 -16.36
N PRO A 350 -11.01 -6.40 -16.49
N PRO A 350 -11.03 -6.42 -16.48
CA PRO A 350 -9.78 -7.03 -15.95
CA PRO A 350 -9.85 -7.10 -15.95
C PRO A 350 -8.52 -6.54 -16.66
C PRO A 350 -8.58 -6.68 -16.69
N SER A 351 -7.40 -6.56 -15.94
N SER A 351 -7.47 -6.66 -15.97
CA SER A 351 -6.08 -6.26 -16.51
CA SER A 351 -6.17 -6.33 -16.52
C SER A 351 -5.61 -7.41 -17.38
C SER A 351 -5.64 -7.44 -17.41
N CYS A 352 -4.73 -7.10 -18.32
CA CYS A 352 -4.14 -8.13 -19.16
C CYS A 352 -2.87 -8.67 -18.54
N ARG A 353 -3.02 -9.45 -17.48
CA ARG A 353 -1.85 -10.10 -16.91
C ARG A 353 -2.14 -11.57 -16.59
N PRO A 354 -1.09 -12.37 -16.34
N PRO A 354 -1.09 -12.38 -16.41
CA PRO A 354 -1.31 -13.82 -16.25
CA PRO A 354 -1.27 -13.84 -16.25
C PRO A 354 -2.03 -14.25 -14.99
C PRO A 354 -2.03 -14.24 -15.00
N ASP A 355 -2.80 -15.32 -15.13
CA ASP A 355 -3.37 -15.99 -13.99
C ASP A 355 -2.33 -17.03 -13.57
N ARG A 356 -1.77 -16.87 -12.37
CA ARG A 356 -0.72 -17.76 -11.89
C ARG A 356 -1.27 -19.00 -11.18
N ASN A 357 -2.58 -19.20 -11.22
CA ASN A 357 -3.18 -20.39 -10.60
C ASN A 357 -3.28 -21.59 -11.53
N GLU A 358 -2.53 -22.63 -11.23
CA GLU A 358 -2.51 -23.83 -12.08
C GLU A 358 -3.63 -24.76 -11.69
N PRO A 359 -4.31 -25.36 -12.68
CA PRO A 359 -5.45 -26.22 -12.37
C PRO A 359 -5.14 -27.37 -11.41
N HIS A 360 -3.98 -28.00 -11.54
CA HIS A 360 -3.67 -29.12 -10.66
C HIS A 360 -3.53 -28.66 -9.21
N ARG A 361 -3.04 -27.44 -8.98
CA ARG A 361 -2.84 -26.97 -7.61
C ARG A 361 -4.17 -26.63 -6.96
N ILE A 362 -5.04 -25.97 -7.72
CA ILE A 362 -6.39 -25.66 -7.23
C ILE A 362 -7.13 -26.96 -6.91
N GLN A 363 -7.01 -27.98 -7.77
CA GLN A 363 -7.70 -29.23 -7.51
C GLN A 363 -7.19 -29.90 -6.23
N GLN A 364 -5.88 -29.84 -6.01
CA GLN A 364 -5.31 -30.44 -4.82
C GLN A 364 -5.76 -29.70 -3.56
N ILE A 365 -5.84 -28.37 -3.62
CA ILE A 365 -6.36 -27.58 -2.50
C ILE A 365 -7.81 -27.97 -2.19
N LEU A 366 -8.62 -28.08 -3.24
CA LEU A 366 -10.02 -28.43 -3.06
C LEU A 366 -10.15 -29.83 -2.45
N ASN A 367 -9.34 -30.77 -2.93
CA ASN A 367 -9.37 -32.12 -2.40
C ASN A 367 -8.93 -32.19 -0.94
N TYR A 368 -7.95 -31.38 -0.58
CA TYR A 368 -7.46 -31.35 0.77
C TYR A 368 -8.56 -30.81 1.71
N ILE A 369 -9.24 -29.76 1.27
CA ILE A 369 -10.34 -29.20 2.05
C ILE A 369 -11.48 -30.20 2.21
N LYS A 370 -11.81 -30.90 1.14
N LYS A 370 -11.80 -30.91 1.13
CA LYS A 370 -12.87 -31.90 1.22
CA LYS A 370 -12.87 -31.91 1.18
C LYS A 370 -12.53 -32.95 2.27
C LYS A 370 -12.54 -33.00 2.20
N GLY A 371 -11.26 -33.34 2.32
CA GLY A 371 -10.82 -34.35 3.27
C GLY A 371 -10.93 -33.82 4.69
N ASN A 372 -10.63 -32.53 4.87
CA ASN A 372 -10.75 -31.90 6.19
C ASN A 372 -12.20 -31.87 6.66
N LEU A 373 -13.10 -31.54 5.75
CA LEU A 373 -14.50 -31.36 6.11
C LEU A 373 -15.22 -32.67 6.41
N LYS A 374 -14.62 -33.80 6.03
CA LYS A 374 -15.20 -35.09 6.39
C LYS A 374 -15.24 -35.27 7.90
N HIS A 375 -14.34 -34.60 8.60
CA HIS A 375 -14.28 -34.68 10.06
C HIS A 375 -15.36 -33.85 10.73
N VAL A 376 -15.96 -32.93 9.99
CA VAL A 376 -16.92 -32.00 10.58
C VAL A 376 -18.31 -32.62 10.75
N LEU B 14 37.53 12.66 -0.92
CA LEU B 14 36.62 13.59 -0.25
C LEU B 14 35.53 12.83 0.50
N VAL B 15 35.13 13.41 1.63
N VAL B 15 35.15 13.36 1.66
CA VAL B 15 34.10 12.85 2.48
CA VAL B 15 34.11 12.70 2.44
C VAL B 15 32.69 13.10 1.90
C VAL B 15 32.73 13.04 1.86
N PRO B 16 31.81 12.08 1.93
CA PRO B 16 30.48 12.33 1.36
C PRO B 16 29.72 13.40 2.14
N VAL B 17 28.88 14.14 1.43
CA VAL B 17 27.95 15.06 2.05
C VAL B 17 26.65 14.32 2.41
N TYR B 18 26.17 14.58 3.63
CA TYR B 18 24.93 14.02 4.14
C TYR B 18 23.97 15.16 4.39
N ILE B 19 22.88 15.22 3.62
CA ILE B 19 21.91 16.30 3.77
C ILE B 19 21.02 16.00 4.94
N TYR B 20 21.09 16.84 5.98
CA TYR B 20 20.38 16.59 7.22
C TYR B 20 20.22 17.85 8.06
N SER B 21 19.05 18.00 8.66
CA SER B 21 18.87 18.85 9.85
C SER B 21 17.69 18.26 10.61
N PRO B 22 17.61 18.50 11.92
N PRO B 22 17.59 18.52 11.92
CA PRO B 22 16.45 18.02 12.69
CA PRO B 22 16.46 17.93 12.65
C PRO B 22 15.13 18.53 12.10
C PRO B 22 15.12 18.45 12.11
N GLU B 23 15.12 19.77 11.67
N GLU B 23 15.08 19.71 11.69
CA GLU B 23 13.93 20.37 11.08
CA GLU B 23 13.86 20.27 11.14
C GLU B 23 13.51 19.64 9.81
C GLU B 23 13.49 19.63 9.79
N TYR B 24 14.48 19.31 8.98
CA TYR B 24 14.23 18.63 7.71
C TYR B 24 13.67 17.22 7.95
N VAL B 25 14.28 16.47 8.86
CA VAL B 25 13.75 15.15 9.20
C VAL B 25 12.31 15.24 9.71
N SER B 26 12.03 16.20 10.59
N SER B 26 12.05 16.20 10.60
CA SER B 26 10.67 16.34 11.13
CA SER B 26 10.70 16.40 11.11
C SER B 26 9.67 16.64 10.02
C SER B 26 9.71 16.70 9.98
N MET B 27 10.04 17.50 9.07
N MET B 27 10.18 17.43 8.99
CA MET B 27 9.18 17.76 7.93
CA MET B 27 9.34 17.78 7.84
C MET B 27 8.96 16.49 7.11
C MET B 27 9.04 16.55 6.98
N CYS B 28 10.04 15.79 6.80
N CYS B 28 10.06 15.74 6.70
CA CYS B 28 9.91 14.60 5.95
CA CYS B 28 9.86 14.53 5.91
C CYS B 28 9.09 13.50 6.63
C CYS B 28 9.00 13.51 6.64
N ASP B 29 9.14 13.43 7.96
CA ASP B 29 8.35 12.47 8.75
C ASP B 29 6.85 12.64 8.63
N SER B 30 6.44 13.82 8.17
N SER B 30 6.44 13.82 8.17
CA SER B 30 5.03 14.19 8.17
CA SER B 30 5.03 14.19 8.17
C SER B 30 4.22 13.70 6.97
C SER B 30 4.22 13.56 7.05
N LEU B 31 4.87 13.10 5.98
CA LEU B 31 4.11 12.52 4.87
C LEU B 31 3.37 11.24 5.30
N ALA B 32 2.03 11.23 5.19
CA ALA B 32 1.21 10.14 5.69
C ALA B 32 1.43 8.80 4.97
N LYS B 33 2.08 8.80 3.79
CA LYS B 33 2.39 7.51 3.16
C LYS B 33 3.62 6.85 3.77
N ILE B 34 4.43 7.62 4.49
CA ILE B 34 5.65 7.11 5.11
C ILE B 34 5.92 7.78 6.47
N PRO B 35 4.91 7.79 7.37
N PRO B 35 4.90 7.83 7.36
CA PRO B 35 5.13 8.54 8.61
CA PRO B 35 5.14 8.61 8.58
C PRO B 35 6.30 8.01 9.43
C PRO B 35 6.28 8.06 9.42
N LYS B 36 7.15 8.92 9.93
N LYS B 36 7.15 8.96 9.88
CA LYS B 36 8.30 8.59 10.76
CA LYS B 36 8.29 8.62 10.75
C LYS B 36 9.46 7.95 10.03
C LYS B 36 9.41 7.89 10.04
N ARG B 37 9.32 7.69 8.73
CA ARG B 37 10.38 6.97 8.03
C ARG B 37 11.72 7.71 8.08
N ALA B 38 11.67 9.02 7.87
CA ALA B 38 12.92 9.78 7.83
C ALA B 38 13.64 9.70 9.19
N SER B 39 12.89 9.76 10.28
CA SER B 39 13.48 9.61 11.61
C SER B 39 14.10 8.22 11.79
N MET B 40 13.43 7.19 11.30
CA MET B 40 13.97 5.84 11.47
C MET B 40 15.28 5.68 10.69
N VAL B 41 15.31 6.18 9.46
CA VAL B 41 16.51 6.10 8.65
C VAL B 41 17.66 6.86 9.31
N HIS B 42 17.42 8.12 9.67
CA HIS B 42 18.48 8.90 10.29
C HIS B 42 18.94 8.31 11.63
N SER B 43 17.99 7.85 12.44
N SER B 43 18.01 7.84 12.45
N SER B 43 18.00 7.84 12.43
CA SER B 43 18.27 7.26 13.75
CA SER B 43 18.41 7.33 13.75
CA SER B 43 18.33 7.28 13.74
C SER B 43 19.19 6.05 13.62
C SER B 43 19.22 6.03 13.64
C SER B 43 19.21 6.04 13.62
N LEU B 44 18.98 5.23 12.59
CA LEU B 44 19.79 4.03 12.41
C LEU B 44 21.18 4.40 11.90
N ILE B 45 21.26 5.34 10.96
CA ILE B 45 22.56 5.84 10.50
C ILE B 45 23.37 6.41 11.68
N GLU B 46 22.72 7.18 12.53
CA GLU B 46 23.34 7.73 13.74
C GLU B 46 23.76 6.65 14.73
N ALA B 47 22.94 5.62 14.88
CA ALA B 47 23.24 4.53 15.82
C ALA B 47 24.50 3.78 15.40
N TYR B 48 24.74 3.72 14.09
CA TYR B 48 25.97 3.14 13.56
C TYR B 48 27.10 4.18 13.45
N ALA B 49 26.83 5.40 13.92
CA ALA B 49 27.80 6.50 13.97
C ALA B 49 28.30 6.90 12.58
N LEU B 50 27.52 6.64 11.54
CA LEU B 50 28.01 6.92 10.19
C LEU B 50 28.03 8.42 9.89
N HIS B 51 27.16 9.18 10.55
CA HIS B 51 27.15 10.63 10.32
C HIS B 51 28.47 11.30 10.70
N LYS B 52 29.22 10.69 11.62
CA LYS B 52 30.51 11.23 12.06
C LYS B 52 31.57 11.10 10.97
N GLN B 53 31.27 10.32 9.94
CA GLN B 53 32.19 10.09 8.82
C GLN B 53 31.78 10.87 7.58
N MET B 54 30.75 11.70 7.70
CA MET B 54 30.24 12.46 6.58
C MET B 54 30.23 13.95 6.90
N ARG B 55 30.11 14.77 5.87
N ARG B 55 30.11 14.77 5.87
CA ARG B 55 29.99 16.20 6.06
CA ARG B 55 29.99 16.21 6.05
C ARG B 55 28.51 16.53 6.08
C ARG B 55 28.52 16.55 6.07
N ILE B 56 28.02 16.94 7.24
CA ILE B 56 26.60 17.18 7.42
C ILE B 56 26.26 18.56 6.92
N VAL B 57 25.33 18.64 5.98
CA VAL B 57 24.95 19.91 5.36
C VAL B 57 23.45 20.13 5.53
N LYS B 58 23.09 21.29 6.08
CA LYS B 58 21.72 21.68 6.27
C LYS B 58 21.08 22.01 4.91
N PRO B 59 19.92 21.43 4.61
CA PRO B 59 19.27 21.74 3.33
C PRO B 59 18.62 23.11 3.34
N LYS B 60 18.64 23.79 2.21
CA LYS B 60 17.88 25.02 2.04
C LYS B 60 16.46 24.63 1.62
N VAL B 61 15.50 25.54 1.83
CA VAL B 61 14.16 25.36 1.31
C VAL B 61 14.13 25.94 -0.11
N ALA B 62 13.53 25.21 -1.06
CA ALA B 62 13.45 25.69 -2.44
C ALA B 62 12.58 26.93 -2.54
N SER B 63 13.08 27.93 -3.27
CA SER B 63 12.27 29.09 -3.60
C SER B 63 11.29 28.77 -4.72
N MET B 64 10.33 29.67 -4.93
N MET B 64 10.33 29.66 -4.93
CA MET B 64 9.37 29.49 -6.00
CA MET B 64 9.37 29.50 -6.00
C MET B 64 10.08 29.43 -7.35
C MET B 64 10.08 29.45 -7.35
N GLU B 65 11.05 30.32 -7.55
CA GLU B 65 11.81 30.33 -8.81
C GLU B 65 12.56 29.01 -9.00
N GLU B 66 13.13 28.46 -7.94
CA GLU B 66 13.79 27.16 -8.05
C GLU B 66 12.81 26.05 -8.43
N MET B 67 11.65 26.02 -7.79
CA MET B 67 10.67 25.00 -8.11
C MET B 67 10.15 25.16 -9.54
N ALA B 68 10.07 26.40 -10.01
CA ALA B 68 9.54 26.71 -11.33
C ALA B 68 10.55 26.41 -12.44
N THR B 69 11.75 25.96 -12.11
CA THR B 69 12.67 25.49 -13.16
C THR B 69 12.10 24.27 -13.88
N PHE B 70 11.21 23.55 -13.21
CA PHE B 70 10.52 22.41 -13.82
C PHE B 70 9.00 22.57 -13.74
N HIS B 71 8.48 22.91 -12.56
CA HIS B 71 7.03 22.87 -12.39
C HIS B 71 6.36 24.13 -12.92
N THR B 72 5.14 24.01 -13.41
CA THR B 72 4.42 25.17 -13.93
C THR B 72 3.94 26.08 -12.80
N ASP B 73 3.86 27.38 -13.09
N ASP B 73 3.85 27.38 -13.09
CA ASP B 73 3.37 28.32 -12.10
CA ASP B 73 3.37 28.34 -12.10
C ASP B 73 1.97 27.95 -11.64
C ASP B 73 1.95 28.00 -11.65
N ALA B 74 1.12 27.53 -12.58
CA ALA B 74 -0.25 27.19 -12.25
C ALA B 74 -0.30 26.03 -11.25
N TYR B 75 0.52 24.99 -11.46
CA TYR B 75 0.53 23.87 -10.53
C TYR B 75 1.09 24.30 -9.14
N LEU B 76 2.19 25.05 -9.14
CA LEU B 76 2.77 25.49 -7.87
C LEU B 76 1.80 26.37 -7.09
N GLN B 77 1.10 27.26 -7.79
CA GLN B 77 0.12 28.12 -7.13
C GLN B 77 -1.04 27.29 -6.57
N HIS B 78 -1.47 26.26 -7.32
CA HIS B 78 -2.50 25.39 -6.80
C HIS B 78 -2.06 24.69 -5.52
N LEU B 79 -0.85 24.14 -5.55
N LEU B 79 -0.87 24.12 -5.55
CA LEU B 79 -0.33 23.42 -4.39
CA LEU B 79 -0.30 23.45 -4.38
C LEU B 79 -0.22 24.35 -3.18
C LEU B 79 -0.29 24.39 -3.18
N GLN B 80 0.23 25.58 -3.39
CA GLN B 80 0.33 26.55 -2.31
C GLN B 80 -1.06 26.88 -1.76
N LYS B 81 -2.03 27.03 -2.65
N LYS B 81 -2.02 27.02 -2.67
CA LYS B 81 -3.40 27.37 -2.26
CA LYS B 81 -3.40 27.34 -2.33
C LYS B 81 -4.04 26.27 -1.40
C LYS B 81 -4.04 26.28 -1.43
N VAL B 82 -3.98 25.03 -1.87
CA VAL B 82 -4.61 23.93 -1.10
C VAL B 82 -3.84 23.58 0.17
N SER B 83 -2.57 23.94 0.23
CA SER B 83 -1.74 23.70 1.41
C SER B 83 -2.16 24.56 2.61
N GLN B 84 -2.81 25.68 2.31
N GLN B 84 -2.80 25.70 2.35
CA GLN B 84 -3.17 26.68 3.30
CA GLN B 84 -3.10 26.63 3.43
C GLN B 84 -4.09 26.11 4.38
C GLN B 84 -4.02 26.05 4.50
N GLU B 85 -5.14 25.42 3.96
N GLU B 85 -5.12 25.44 4.07
CA GLU B 85 -6.11 24.85 4.89
CA GLU B 85 -6.05 24.82 5.00
C GLU B 85 -6.19 23.33 4.78
C GLU B 85 -6.24 23.32 4.75
N GLY B 86 -5.46 22.77 3.82
CA GLY B 86 -5.56 21.36 3.52
C GLY B 86 -6.88 21.08 2.82
N ASP B 87 -7.19 21.90 1.82
CA ASP B 87 -8.41 21.73 1.04
C ASP B 87 -8.29 20.51 0.15
N ASP B 88 -8.89 19.40 0.58
CA ASP B 88 -8.76 18.14 -0.15
C ASP B 88 -9.98 17.91 -1.03
N ASP B 89 -10.75 18.96 -1.28
CA ASP B 89 -11.94 18.86 -2.13
C ASP B 89 -12.03 20.00 -3.14
N HIS B 90 -10.88 20.52 -3.56
CA HIS B 90 -10.85 21.61 -4.52
C HIS B 90 -11.21 21.11 -5.92
N PRO B 91 -12.06 21.87 -6.64
CA PRO B 91 -12.49 21.46 -7.97
C PRO B 91 -11.37 21.20 -8.99
N ASP B 92 -10.19 21.79 -8.82
CA ASP B 92 -9.12 21.57 -9.78
C ASP B 92 -8.13 20.50 -9.35
N SER B 93 -8.35 19.90 -8.19
CA SER B 93 -7.34 18.98 -7.69
C SER B 93 -7.17 17.70 -8.50
N ILE B 94 -8.24 17.14 -9.06
CA ILE B 94 -8.07 15.93 -9.88
C ILE B 94 -7.14 16.22 -11.05
N GLU B 95 -7.37 17.37 -11.69
CA GLU B 95 -6.54 17.83 -12.81
C GLU B 95 -5.06 17.88 -12.43
N TYR B 96 -4.80 18.32 -11.22
CA TYR B 96 -3.42 18.48 -10.75
C TYR B 96 -2.87 17.24 -10.02
N GLY B 97 -3.59 16.11 -10.08
CA GLY B 97 -3.07 14.85 -9.56
C GLY B 97 -3.23 14.67 -8.06
N LEU B 98 -3.93 15.58 -7.40
N LEU B 98 -3.94 15.59 -7.41
CA LEU B 98 -4.15 15.44 -5.97
CA LEU B 98 -4.19 15.46 -5.98
C LEU B 98 -5.36 14.51 -5.75
C LEU B 98 -5.39 14.55 -5.74
N GLY B 99 -5.33 13.73 -4.69
CA GLY B 99 -6.35 12.73 -4.46
C GLY B 99 -5.78 11.69 -3.54
N TYR B 100 -6.12 10.43 -3.79
CA TYR B 100 -5.78 9.36 -2.87
C TYR B 100 -4.27 9.17 -2.67
N ASP B 101 -3.52 9.05 -3.77
CA ASP B 101 -2.07 8.87 -3.63
C ASP B 101 -1.39 10.14 -3.12
N CYS B 102 -1.89 11.32 -3.53
N CYS B 102 -1.90 11.31 -3.53
CA CYS B 102 -1.27 12.60 -3.22
CA CYS B 102 -1.27 12.59 -3.22
C CYS B 102 -2.30 13.53 -2.60
C CYS B 102 -2.33 13.51 -2.61
N PRO B 103 -2.67 13.29 -1.34
CA PRO B 103 -3.70 14.17 -0.74
C PRO B 103 -3.22 15.59 -0.55
N ALA B 104 -4.17 16.51 -0.56
CA ALA B 104 -3.85 17.92 -0.30
C ALA B 104 -3.91 18.20 1.18
N THR B 105 -2.88 17.77 1.90
CA THR B 105 -2.84 18.00 3.32
C THR B 105 -2.32 19.40 3.66
N GLU B 106 -2.73 19.90 4.82
CA GLU B 106 -2.25 21.17 5.33
C GLU B 106 -0.72 21.20 5.40
N GLY B 107 -0.10 22.24 4.82
CA GLY B 107 1.34 22.36 4.87
C GLY B 107 2.11 21.53 3.85
N ILE B 108 1.40 20.87 2.94
CA ILE B 108 2.10 19.99 1.99
C ILE B 108 3.05 20.77 1.05
N PHE B 109 2.73 22.04 0.81
CA PHE B 109 3.61 22.87 -0.02
C PHE B 109 4.97 23.05 0.65
N ASP B 110 4.98 23.27 1.97
CA ASP B 110 6.22 23.43 2.71
C ASP B 110 7.02 22.13 2.69
N TYR B 111 6.33 21.00 2.80
CA TYR B 111 6.96 19.69 2.70
C TYR B 111 7.66 19.54 1.35
N ALA B 112 6.92 19.84 0.30
CA ALA B 112 7.44 19.70 -1.04
C ALA B 112 8.65 20.60 -1.27
N ALA B 113 8.57 21.86 -0.82
CA ALA B 113 9.65 22.80 -1.02
C ALA B 113 10.89 22.38 -0.25
N ALA B 114 10.67 21.77 0.92
CA ALA B 114 11.78 21.27 1.71
C ALA B 114 12.53 20.14 0.99
N ILE B 115 11.82 19.21 0.40
N ILE B 115 11.78 19.21 0.43
CA ILE B 115 12.54 18.11 -0.25
CA ILE B 115 12.35 18.09 -0.30
C ILE B 115 13.17 18.56 -1.57
C ILE B 115 13.12 18.58 -1.52
N GLY B 116 12.48 19.44 -2.31
CA GLY B 116 13.09 19.99 -3.51
C GLY B 116 14.36 20.73 -3.16
N GLY B 117 14.30 21.55 -2.10
CA GLY B 117 15.44 22.33 -1.68
C GLY B 117 16.60 21.44 -1.24
N ALA B 118 16.29 20.32 -0.58
CA ALA B 118 17.35 19.43 -0.11
C ALA B 118 18.10 18.81 -1.28
N THR B 119 17.40 18.36 -2.31
CA THR B 119 18.08 17.79 -3.46
C THR B 119 18.86 18.84 -4.24
N ILE B 120 18.32 20.06 -4.34
CA ILE B 120 19.06 21.16 -4.95
C ILE B 120 20.33 21.48 -4.16
N THR B 121 20.24 21.43 -2.83
CA THR B 121 21.43 21.67 -2.01
C THR B 121 22.50 20.62 -2.26
N ALA B 122 22.09 19.35 -2.35
CA ALA B 122 23.01 18.26 -2.66
C ALA B 122 23.68 18.48 -4.03
N ALA B 123 22.89 18.85 -5.03
CA ALA B 123 23.44 19.14 -6.36
C ALA B 123 24.45 20.28 -6.30
N GLN B 124 24.14 21.31 -5.52
CA GLN B 124 25.02 22.47 -5.43
C GLN B 124 26.35 22.09 -4.77
N CYS B 125 26.31 21.20 -3.77
CA CYS B 125 27.53 20.71 -3.14
C CYS B 125 28.40 20.00 -4.16
N LEU B 126 27.76 19.25 -5.06
CA LEU B 126 28.51 18.53 -6.11
C LEU B 126 29.13 19.49 -7.12
N ILE B 127 28.37 20.50 -7.55
N ILE B 127 28.39 20.52 -7.54
CA ILE B 127 28.89 21.51 -8.45
CA ILE B 127 28.95 21.46 -8.51
C ILE B 127 30.12 22.19 -7.87
C ILE B 127 29.97 22.45 -7.91
N ASP B 128 30.03 22.52 -6.59
CA ASP B 128 31.05 23.30 -5.91
C ASP B 128 32.28 22.48 -5.57
N GLY B 129 32.22 21.18 -5.83
CA GLY B 129 33.36 20.31 -5.57
C GLY B 129 33.59 20.02 -4.10
N MET B 130 32.55 20.26 -3.30
CA MET B 130 32.60 20.00 -1.87
C MET B 130 32.79 18.51 -1.59
N CYS B 131 32.29 17.68 -2.51
CA CYS B 131 32.26 16.24 -2.31
C CYS B 131 32.16 15.61 -3.68
N LYS B 132 32.38 14.30 -3.76
CA LYS B 132 32.08 13.51 -4.96
C LYS B 132 30.74 12.74 -4.84
N VAL B 133 30.25 12.59 -3.61
CA VAL B 133 28.98 11.92 -3.35
C VAL B 133 28.20 12.79 -2.37
N ALA B 134 26.93 13.07 -2.69
CA ALA B 134 26.04 13.81 -1.80
C ALA B 134 24.75 13.02 -1.64
N ILE B 135 24.31 12.87 -0.40
CA ILE B 135 23.19 11.96 -0.09
C ILE B 135 22.00 12.73 0.45
N ASN B 136 20.84 12.51 -0.20
CA ASN B 136 19.56 12.98 0.35
C ASN B 136 18.58 11.80 0.39
N TRP B 137 18.59 11.05 1.49
CA TRP B 137 17.79 9.85 1.58
C TRP B 137 16.29 10.13 1.55
N SER B 138 15.91 11.35 1.90
N SER B 138 15.88 11.36 1.88
CA SER B 138 14.50 11.74 1.86
CA SER B 138 14.45 11.67 1.84
C SER B 138 13.99 12.27 0.53
C SER B 138 14.00 12.33 0.55
N GLY B 139 14.86 12.30 -0.47
CA GLY B 139 14.48 12.69 -1.81
C GLY B 139 14.18 11.49 -2.70
N GLY B 140 14.10 11.71 -4.01
CA GLY B 140 13.84 10.61 -4.94
C GLY B 140 12.40 10.44 -5.42
N TRP B 141 11.64 11.53 -5.43
CA TRP B 141 10.21 11.50 -5.73
C TRP B 141 9.98 11.67 -7.25
N ALA B 142 10.22 10.57 -7.98
CA ALA B 142 10.44 10.59 -9.42
C ALA B 142 9.19 10.63 -10.27
N HIS B 143 7.99 10.52 -9.68
CA HIS B 143 6.77 10.42 -10.48
C HIS B 143 6.10 11.76 -10.81
N ALA B 144 6.43 12.82 -10.07
CA ALA B 144 5.74 14.09 -10.30
C ALA B 144 6.06 14.64 -11.67
N LYS B 145 5.05 15.22 -12.30
N LYS B 145 5.06 15.22 -12.31
CA LYS B 145 5.18 15.86 -13.60
CA LYS B 145 5.21 15.85 -13.62
C LYS B 145 5.21 17.38 -13.44
C LYS B 145 5.27 17.36 -13.44
N LYS B 146 5.47 18.09 -14.53
CA LYS B 146 5.61 19.54 -14.43
C LYS B 146 4.35 20.16 -13.84
N ASP B 147 3.20 19.54 -14.12
CA ASP B 147 1.92 20.12 -13.75
C ASP B 147 1.00 19.12 -13.02
N GLU B 148 1.57 18.09 -12.40
CA GLU B 148 0.72 17.07 -11.80
C GLU B 148 1.48 16.31 -10.71
N ALA B 149 0.87 16.19 -9.53
CA ALA B 149 1.37 15.30 -8.49
C ALA B 149 1.09 13.86 -8.94
N SER B 150 1.91 12.92 -8.52
CA SER B 150 1.69 11.52 -8.87
C SER B 150 2.47 10.61 -7.93
N GLY B 151 1.89 9.48 -7.53
CA GLY B 151 2.70 8.44 -6.90
C GLY B 151 3.39 8.86 -5.62
N PHE B 152 2.71 9.67 -4.79
CA PHE B 152 3.20 10.16 -3.48
C PHE B 152 4.19 11.31 -3.67
N CYS B 153 4.35 11.76 -4.91
CA CYS B 153 5.32 12.81 -5.26
C CYS B 153 4.60 14.11 -5.61
N TYR B 154 4.91 15.20 -4.91
CA TYR B 154 4.27 16.49 -5.18
C TYR B 154 5.18 17.39 -6.01
N LEU B 155 6.48 17.26 -5.81
N LEU B 155 6.47 17.14 -5.90
CA LEU B 155 7.45 17.92 -6.67
CA LEU B 155 7.47 17.93 -6.59
C LEU B 155 8.42 16.86 -7.11
C LEU B 155 8.61 17.01 -6.98
N ASN B 156 9.07 17.11 -8.23
CA ASN B 156 10.04 16.15 -8.72
C ASN B 156 11.44 16.60 -8.36
N ASP B 157 11.90 16.23 -7.15
CA ASP B 157 13.18 16.73 -6.67
C ASP B 157 14.32 16.19 -7.50
N ALA B 158 14.17 14.99 -8.08
CA ALA B 158 15.22 14.44 -8.94
C ALA B 158 15.42 15.34 -10.17
N VAL B 159 14.32 15.74 -10.83
CA VAL B 159 14.43 16.66 -11.96
C VAL B 159 15.08 17.99 -11.53
N LEU B 160 14.65 18.54 -10.39
CA LEU B 160 15.23 19.80 -9.92
C LEU B 160 16.74 19.67 -9.70
N GLY B 161 17.17 18.54 -9.12
CA GLY B 161 18.58 18.31 -8.92
C GLY B 161 19.37 18.17 -10.22
N ILE B 162 18.80 17.43 -11.18
CA ILE B 162 19.43 17.30 -12.49
C ILE B 162 19.59 18.66 -13.16
N LEU B 163 18.55 19.51 -13.07
CA LEU B 163 18.61 20.82 -13.69
C LEU B 163 19.67 21.70 -13.04
N ARG B 164 19.88 21.55 -11.74
CA ARG B 164 20.98 22.25 -11.07
C ARG B 164 22.35 21.72 -11.53
N LEU B 165 22.50 20.39 -11.56
CA LEU B 165 23.76 19.79 -12.02
C LEU B 165 24.16 20.16 -13.43
N ARG B 166 23.14 20.37 -14.27
N ARG B 166 23.19 20.34 -14.32
CA ARG B 166 23.31 20.76 -15.67
CA ARG B 166 23.53 20.60 -15.72
C ARG B 166 24.14 22.03 -15.82
C ARG B 166 24.19 21.97 -15.92
N ARG B 167 24.11 22.89 -14.80
N ARG B 167 24.24 22.80 -14.90
CA ARG B 167 24.88 24.14 -14.85
CA ARG B 167 24.99 24.06 -15.01
C ARG B 167 26.36 23.86 -15.06
C ARG B 167 26.48 23.74 -15.14
N LYS B 168 26.82 22.69 -14.63
N LYS B 168 26.88 22.59 -14.62
CA LYS B 168 28.22 22.30 -14.74
CA LYS B 168 28.29 22.20 -14.52
C LYS B 168 28.45 21.07 -15.64
C LYS B 168 28.63 20.93 -15.30
N PHE B 169 27.67 20.02 -15.42
CA PHE B 169 27.93 18.72 -16.03
C PHE B 169 27.16 18.52 -17.34
N GLU B 170 27.92 18.33 -18.43
CA GLU B 170 27.34 18.32 -19.78
C GLU B 170 26.44 17.13 -20.08
N ARG B 171 26.78 15.97 -19.52
CA ARG B 171 25.97 14.77 -19.68
C ARG B 171 25.72 14.20 -18.29
N ILE B 172 24.44 13.99 -17.97
CA ILE B 172 24.04 13.46 -16.68
C ILE B 172 23.28 12.17 -16.89
N LEU B 173 23.66 11.15 -16.13
CA LEU B 173 22.98 9.86 -16.14
C LEU B 173 22.08 9.75 -14.90
N TYR B 174 20.79 9.53 -15.11
CA TYR B 174 19.85 9.23 -14.03
C TYR B 174 19.60 7.73 -14.02
N VAL B 175 19.85 7.08 -12.89
CA VAL B 175 19.60 5.63 -12.73
C VAL B 175 18.60 5.45 -11.60
N ASP B 176 17.51 4.74 -11.89
CA ASP B 176 16.39 4.64 -10.96
C ASP B 176 16.13 3.15 -10.65
N LEU B 177 16.47 2.76 -9.42
CA LEU B 177 16.33 1.36 -8.98
C LEU B 177 15.12 1.14 -8.09
N ASP B 178 14.26 2.13 -8.00
CA ASP B 178 12.97 1.99 -7.29
C ASP B 178 12.14 0.87 -7.95
N LEU B 179 11.24 0.24 -7.21
CA LEU B 179 10.33 -0.74 -7.79
C LEU B 179 9.51 -0.20 -8.97
N HIS B 180 9.17 1.08 -8.91
CA HIS B 180 8.29 1.72 -9.89
C HIS B 180 9.09 2.44 -10.98
N HIS B 181 8.52 2.47 -12.19
CA HIS B 181 9.14 3.21 -13.29
C HIS B 181 9.31 4.67 -12.94
N GLY B 182 10.53 5.19 -13.15
CA GLY B 182 10.85 6.60 -12.93
C GLY B 182 10.30 7.50 -14.03
N ASP B 183 8.97 7.52 -14.16
CA ASP B 183 8.29 8.13 -15.31
C ASP B 183 8.39 9.66 -15.38
N GLY B 184 8.33 10.35 -14.25
CA GLY B 184 8.38 11.80 -14.26
C GLY B 184 9.72 12.31 -14.74
N VAL B 185 10.79 11.67 -14.29
CA VAL B 185 12.13 12.04 -14.72
C VAL B 185 12.33 11.71 -16.20
N GLU B 186 11.90 10.52 -16.60
CA GLU B 186 12.04 10.15 -17.99
C GLU B 186 11.29 11.14 -18.87
N ASP B 187 10.06 11.48 -18.50
CA ASP B 187 9.26 12.41 -19.30
C ASP B 187 9.92 13.78 -19.37
N ALA B 188 10.43 14.25 -18.22
CA ALA B 188 11.08 15.58 -18.19
C ALA B 188 12.20 15.70 -19.20
N PHE B 189 12.94 14.62 -19.41
CA PHE B 189 14.12 14.63 -20.25
C PHE B 189 13.96 13.85 -21.55
N SER B 190 12.73 13.50 -21.89
N SER B 190 12.72 13.53 -21.88
CA SER B 190 12.48 12.63 -23.03
CA SER B 190 12.43 12.67 -23.03
C SER B 190 12.96 13.18 -24.38
C SER B 190 13.06 13.18 -24.33
N PHE B 191 13.08 14.50 -24.49
CA PHE B 191 13.46 15.14 -25.75
C PHE B 191 14.89 15.60 -25.78
N THR B 192 15.71 15.17 -24.81
CA THR B 192 17.11 15.55 -24.85
C THR B 192 18.08 14.39 -24.79
N SER B 193 19.23 14.57 -25.45
CA SER B 193 20.34 13.63 -25.41
C SER B 193 21.36 13.97 -24.32
N LYS B 194 21.12 15.05 -23.58
CA LYS B 194 22.09 15.49 -22.58
C LYS B 194 21.86 14.87 -21.21
N VAL B 195 20.69 14.26 -21.02
CA VAL B 195 20.39 13.52 -19.80
C VAL B 195 19.86 12.17 -20.25
N MET B 196 20.51 11.10 -19.79
N MET B 196 20.53 11.09 -19.85
CA MET B 196 20.10 9.74 -20.09
CA MET B 196 20.02 9.76 -20.13
C MET B 196 19.41 9.17 -18.86
C MET B 196 19.38 9.23 -18.88
N THR B 197 18.20 8.64 -19.04
CA THR B 197 17.49 8.02 -17.91
C THR B 197 17.49 6.50 -18.08
N VAL B 198 17.77 5.79 -16.98
CA VAL B 198 17.75 4.32 -16.97
C VAL B 198 16.90 3.91 -15.76
N SER B 199 15.84 3.15 -16.01
CA SER B 199 14.97 2.69 -14.94
C SER B 199 14.83 1.17 -15.02
N LEU B 200 15.05 0.49 -13.88
CA LEU B 200 14.73 -0.94 -13.73
C LEU B 200 13.50 -0.95 -12.82
N HIS B 201 12.45 -1.67 -13.20
CA HIS B 201 11.18 -1.56 -12.44
C HIS B 201 10.27 -2.71 -12.80
N LYS B 202 9.27 -2.90 -11.94
CA LYS B 202 8.22 -3.87 -12.23
C LYS B 202 7.35 -3.31 -13.35
N PHE B 203 7.06 -4.17 -14.33
CA PHE B 203 6.22 -3.78 -15.46
C PHE B 203 5.20 -4.87 -15.71
N SER B 204 3.95 -4.58 -15.39
CA SER B 204 2.89 -5.58 -15.49
C SER B 204 1.56 -4.82 -15.55
N PRO B 205 0.62 -5.28 -16.39
CA PRO B 205 -0.60 -4.45 -16.53
C PRO B 205 -1.36 -4.29 -15.21
N GLY B 206 -1.73 -3.04 -14.89
CA GLY B 206 -2.34 -2.74 -13.63
C GLY B 206 -1.36 -2.22 -12.58
N PHE B 207 -0.06 -2.39 -12.82
CA PHE B 207 0.93 -2.00 -11.83
C PHE B 207 1.45 -0.58 -12.10
N PHE B 208 1.37 0.28 -11.08
CA PHE B 208 1.70 1.69 -11.20
C PHE B 208 3.15 1.92 -11.69
N PRO B 209 3.40 2.91 -12.58
CA PRO B 209 2.42 3.83 -13.20
C PRO B 209 1.90 3.31 -14.53
N GLY B 210 2.37 2.16 -14.98
CA GLY B 210 1.85 1.53 -16.19
C GLY B 210 2.73 1.70 -17.42
N THR B 211 3.80 2.48 -17.28
CA THR B 211 4.68 2.83 -18.38
C THR B 211 6.06 2.20 -18.19
N GLY B 212 6.92 2.37 -19.18
CA GLY B 212 8.31 1.92 -19.09
C GLY B 212 8.55 0.54 -19.66
N ASP B 213 8.00 0.28 -20.84
CA ASP B 213 8.36 -0.94 -21.53
C ASP B 213 9.74 -0.75 -22.19
N VAL B 214 10.36 -1.84 -22.60
CA VAL B 214 11.70 -1.76 -23.18
C VAL B 214 11.72 -0.96 -24.49
N SER B 215 10.57 -0.93 -25.17
CA SER B 215 10.42 -0.16 -26.40
C SER B 215 10.24 1.35 -26.19
N ASP B 216 10.08 1.78 -24.94
CA ASP B 216 10.04 3.22 -24.63
C ASP B 216 11.47 3.73 -24.54
N VAL B 217 11.87 4.54 -25.52
CA VAL B 217 13.27 4.95 -25.68
C VAL B 217 13.47 6.46 -25.76
N GLY B 218 12.43 7.24 -25.51
CA GLY B 218 12.54 8.68 -25.65
C GLY B 218 12.09 9.15 -27.03
N LEU B 219 12.13 10.46 -27.25
CA LEU B 219 11.51 11.05 -28.43
C LEU B 219 12.41 12.14 -29.03
N GLY B 220 12.32 12.32 -30.35
CA GLY B 220 13.01 13.42 -31.01
C GLY B 220 14.52 13.30 -30.84
N LYS B 221 15.16 14.41 -30.46
N LYS B 221 15.18 14.40 -30.46
CA LYS B 221 16.60 14.39 -30.21
CA LYS B 221 16.62 14.35 -30.23
C LYS B 221 16.96 13.46 -29.06
C LYS B 221 16.96 13.44 -29.06
N GLY B 222 15.99 13.14 -28.20
CA GLY B 222 16.20 12.25 -27.09
C GLY B 222 15.98 10.78 -27.44
N ARG B 223 15.66 10.46 -28.69
CA ARG B 223 15.44 9.05 -29.03
C ARG B 223 16.69 8.22 -28.73
N TYR B 224 16.49 7.15 -27.97
CA TYR B 224 17.53 6.22 -27.49
C TYR B 224 18.24 6.68 -26.21
N TYR B 225 17.82 7.83 -25.68
CA TYR B 225 18.40 8.35 -24.44
C TYR B 225 17.48 8.15 -23.22
N SER B 226 16.51 7.24 -23.37
CA SER B 226 15.75 6.69 -22.26
C SER B 226 15.89 5.19 -22.38
N VAL B 227 16.18 4.54 -21.25
CA VAL B 227 16.35 3.09 -21.21
C VAL B 227 15.42 2.56 -20.11
N ASN B 228 14.64 1.53 -20.45
CA ASN B 228 13.72 0.92 -19.51
C ASN B 228 13.93 -0.57 -19.49
N VAL B 229 13.99 -1.12 -18.27
CA VAL B 229 14.22 -2.54 -18.09
C VAL B 229 13.04 -3.10 -17.32
N PRO B 230 12.04 -3.64 -18.05
CA PRO B 230 10.83 -4.14 -17.39
C PRO B 230 11.10 -5.51 -16.77
N ILE B 231 10.74 -5.66 -15.49
CA ILE B 231 11.06 -6.86 -14.73
C ILE B 231 9.79 -7.38 -14.04
N GLN B 232 9.72 -8.70 -13.88
CA GLN B 232 8.57 -9.33 -13.21
C GLN B 232 8.81 -9.61 -11.72
N ASP B 233 7.73 -9.91 -11.02
CA ASP B 233 7.81 -10.28 -9.61
C ASP B 233 8.88 -11.33 -9.31
N GLY B 234 9.47 -11.21 -8.12
CA GLY B 234 10.26 -12.29 -7.55
C GLY B 234 11.74 -12.26 -7.83
N ILE B 235 12.21 -11.22 -8.50
CA ILE B 235 13.65 -11.15 -8.81
C ILE B 235 14.48 -11.04 -7.52
N GLN B 236 15.60 -11.76 -7.51
CA GLN B 236 16.53 -11.76 -6.37
C GLN B 236 17.88 -11.18 -6.79
N ASP B 237 18.76 -11.05 -5.80
CA ASP B 237 19.99 -10.26 -5.94
C ASP B 237 20.86 -10.59 -7.13
N GLU B 238 21.16 -11.87 -7.34
N GLU B 238 21.14 -11.87 -7.33
CA GLU B 238 22.14 -12.25 -8.35
CA GLU B 238 22.07 -12.28 -8.39
C GLU B 238 21.65 -11.88 -9.74
C GLU B 238 21.58 -11.90 -9.79
N LYS B 239 20.41 -12.26 -10.06
N LYS B 239 20.35 -12.27 -10.12
CA LYS B 239 19.86 -11.99 -11.38
CA LYS B 239 19.79 -11.98 -11.43
C LYS B 239 19.72 -10.47 -11.59
C LYS B 239 19.58 -10.47 -11.65
N TYR B 240 19.22 -9.76 -10.59
CA TYR B 240 19.07 -8.31 -10.68
C TYR B 240 20.42 -7.64 -10.98
N TYR B 241 21.45 -8.03 -10.25
CA TYR B 241 22.77 -7.44 -10.47
C TYR B 241 23.28 -7.74 -11.88
N GLN B 242 23.09 -8.98 -12.35
CA GLN B 242 23.52 -9.33 -13.72
C GLN B 242 22.86 -8.41 -14.75
N ILE B 243 21.57 -8.15 -14.58
CA ILE B 243 20.85 -7.27 -15.49
C ILE B 243 21.39 -5.84 -15.37
N CYS B 244 21.52 -5.38 -14.14
CA CYS B 244 21.90 -4.00 -13.90
C CYS B 244 23.32 -3.75 -14.42
N GLU B 245 24.24 -4.67 -14.12
CA GLU B 245 25.60 -4.51 -14.60
C GLU B 245 25.68 -4.51 -16.12
N SER B 246 24.92 -5.40 -16.76
N SER B 246 24.92 -5.39 -16.77
CA SER B 246 24.93 -5.49 -18.22
CA SER B 246 24.96 -5.48 -18.23
C SER B 246 24.49 -4.17 -18.84
C SER B 246 24.47 -4.18 -18.87
N VAL B 247 23.37 -3.63 -18.34
CA VAL B 247 22.84 -2.40 -18.87
C VAL B 247 23.77 -1.22 -18.57
N LEU B 248 24.25 -1.11 -17.33
CA LEU B 248 25.10 0.02 -17.00
C LEU B 248 26.45 0.01 -17.70
N LYS B 249 27.03 -1.16 -17.91
CA LYS B 249 28.26 -1.24 -18.68
C LYS B 249 28.05 -0.65 -20.09
N GLU B 250 26.95 -1.03 -20.73
CA GLU B 250 26.65 -0.53 -22.07
C GLU B 250 26.36 0.97 -22.05
N VAL B 251 25.60 1.41 -21.07
CA VAL B 251 25.26 2.82 -20.97
C VAL B 251 26.51 3.66 -20.73
N TYR B 252 27.37 3.22 -19.83
CA TYR B 252 28.57 3.99 -19.51
C TYR B 252 29.45 4.16 -20.76
N GLN B 253 29.64 3.06 -21.50
N GLN B 253 29.62 3.07 -21.51
CA GLN B 253 30.43 3.07 -22.72
CA GLN B 253 30.44 3.07 -22.71
C GLN B 253 29.85 4.03 -23.76
C GLN B 253 29.86 3.91 -23.85
N ALA B 254 28.54 3.97 -23.94
CA ALA B 254 27.88 4.71 -25.02
C ALA B 254 27.70 6.19 -24.70
N PHE B 255 27.33 6.47 -23.45
CA PHE B 255 26.88 7.79 -23.07
C PHE B 255 27.97 8.64 -22.42
N ASN B 256 28.93 7.98 -21.78
CA ASN B 256 30.07 8.68 -21.16
C ASN B 256 29.61 9.82 -20.23
N PRO B 257 28.86 9.48 -19.18
CA PRO B 257 28.31 10.54 -18.33
C PRO B 257 29.39 11.31 -17.57
N LYS B 258 29.06 12.55 -17.22
CA LYS B 258 29.90 13.39 -16.39
C LYS B 258 29.45 13.43 -14.92
N ALA B 259 28.20 13.07 -14.66
CA ALA B 259 27.66 13.04 -13.31
C ALA B 259 26.52 12.04 -13.31
N VAL B 260 26.18 11.52 -12.13
CA VAL B 260 25.13 10.53 -11.97
C VAL B 260 24.18 10.95 -10.86
N VAL B 261 22.89 10.75 -11.10
CA VAL B 261 21.88 10.85 -10.04
C VAL B 261 21.29 9.45 -9.91
N LEU B 262 21.33 8.91 -8.70
CA LEU B 262 20.98 7.52 -8.45
C LEU B 262 19.86 7.45 -7.42
N GLN B 263 18.71 6.92 -7.85
CA GLN B 263 17.52 6.78 -7.00
C GLN B 263 17.46 5.32 -6.52
N LEU B 264 17.42 5.15 -5.20
CA LEU B 264 17.56 3.83 -4.58
C LEU B 264 16.33 3.46 -3.74
N GLY B 265 15.14 3.72 -4.25
CA GLY B 265 13.92 3.35 -3.52
C GLY B 265 13.96 1.91 -3.04
N ALA B 266 13.62 1.70 -1.78
CA ALA B 266 13.77 0.42 -1.09
C ALA B 266 12.50 -0.43 -1.15
N ASP B 267 11.57 -0.08 -2.04
CA ASP B 267 10.35 -0.87 -2.22
C ASP B 267 10.54 -2.14 -3.04
N THR B 268 11.80 -2.41 -3.43
CA THR B 268 12.18 -3.67 -4.06
C THR B 268 12.57 -4.76 -3.04
N ILE B 269 12.75 -4.35 -1.78
CA ILE B 269 13.40 -5.20 -0.78
C ILE B 269 12.39 -6.18 -0.18
N ALA B 270 12.81 -7.43 -0.04
CA ALA B 270 12.00 -8.46 0.61
C ALA B 270 11.41 -7.92 1.91
N GLY B 271 10.13 -8.19 2.14
CA GLY B 271 9.46 -7.69 3.33
C GLY B 271 8.66 -6.42 3.10
N ASP B 272 8.82 -5.77 1.95
CA ASP B 272 8.01 -4.60 1.64
C ASP B 272 6.56 -5.09 1.48
N PRO B 273 5.58 -4.33 1.99
CA PRO B 273 4.19 -4.79 1.80
C PRO B 273 3.80 -4.92 0.34
N MET B 274 4.47 -4.20 -0.57
N MET B 274 4.46 -4.20 -0.55
CA MET B 274 4.12 -4.35 -1.97
CA MET B 274 4.19 -4.32 -1.98
C MET B 274 4.50 -5.72 -2.53
C MET B 274 4.46 -5.74 -2.47
N CYS B 275 5.43 -6.42 -1.85
CA CYS B 275 5.65 -7.85 -2.06
C CYS B 275 5.77 -8.21 -3.54
N SER B 276 6.64 -7.50 -4.25
N SER B 276 6.65 -7.49 -4.22
CA SER B 276 6.82 -7.67 -5.69
CA SER B 276 6.84 -7.67 -5.66
C SER B 276 8.21 -8.23 -5.99
C SER B 276 8.21 -8.24 -5.94
N PHE B 277 9.24 -7.40 -5.91
CA PHE B 277 10.61 -7.92 -6.05
C PHE B 277 11.01 -8.63 -4.76
N ASN B 278 12.17 -9.27 -4.76
CA ASN B 278 12.59 -10.06 -3.60
C ASN B 278 14.09 -9.83 -3.36
N MET B 279 14.46 -8.54 -3.33
CA MET B 279 15.85 -8.11 -3.23
C MET B 279 16.32 -7.96 -1.79
N THR B 280 17.65 -7.91 -1.62
CA THR B 280 18.19 -7.49 -0.35
C THR B 280 19.12 -6.30 -0.58
N PRO B 281 19.45 -5.58 0.50
CA PRO B 281 20.34 -4.43 0.33
C PRO B 281 21.70 -4.80 -0.24
N VAL B 282 22.13 -6.05 -0.07
CA VAL B 282 23.42 -6.45 -0.62
C VAL B 282 23.39 -6.42 -2.16
N GLY B 283 22.28 -6.85 -2.77
CA GLY B 283 22.16 -6.81 -4.21
C GLY B 283 22.16 -5.39 -4.76
N ILE B 284 21.36 -4.53 -4.13
CA ILE B 284 21.33 -3.12 -4.52
C ILE B 284 22.73 -2.50 -4.30
N GLY B 285 23.39 -2.88 -3.21
CA GLY B 285 24.74 -2.41 -2.92
C GLY B 285 25.75 -2.73 -4.01
N LYS B 286 25.63 -3.89 -4.63
N LYS B 286 25.62 -3.88 -4.63
CA LYS B 286 26.53 -4.23 -5.74
CA LYS B 286 26.53 -4.23 -5.74
C LYS B 286 26.31 -3.26 -6.90
C LYS B 286 26.31 -3.29 -6.93
N CYS B 287 25.06 -2.90 -7.17
CA CYS B 287 24.75 -1.96 -8.24
C CYS B 287 25.35 -0.60 -7.88
N LEU B 288 25.18 -0.19 -6.63
CA LEU B 288 25.75 1.05 -6.14
C LEU B 288 27.28 1.05 -6.29
N LYS B 289 27.94 -0.03 -5.90
CA LYS B 289 29.40 -0.13 -6.01
C LYS B 289 29.85 0.03 -7.45
N TYR B 290 29.11 -0.58 -8.37
CA TYR B 290 29.44 -0.50 -9.79
C TYR B 290 29.45 0.97 -10.27
N ILE B 291 28.44 1.72 -9.86
CA ILE B 291 28.37 3.14 -10.21
C ILE B 291 29.46 3.96 -9.51
N LEU B 292 29.71 3.67 -8.24
CA LEU B 292 30.71 4.43 -7.49
C LEU B 292 32.09 4.26 -8.09
N GLN B 293 32.38 3.11 -8.68
CA GLN B 293 33.71 2.90 -9.22
C GLN B 293 34.00 3.74 -10.46
N TRP B 294 32.97 4.33 -11.06
CA TRP B 294 33.18 5.31 -12.12
C TRP B 294 33.84 6.60 -11.61
N GLN B 295 33.78 6.83 -10.29
N GLN B 295 33.79 6.83 -10.30
CA GLN B 295 34.40 8.01 -9.67
CA GLN B 295 34.39 8.01 -9.66
C GLN B 295 33.91 9.34 -10.25
C GLN B 295 33.91 9.33 -10.25
N LEU B 296 32.60 9.42 -10.48
CA LEU B 296 31.94 10.65 -10.94
C LEU B 296 31.17 11.30 -9.81
N ALA B 297 30.91 12.59 -9.94
CA ALA B 297 29.97 13.29 -9.06
C ALA B 297 28.67 12.52 -9.05
N THR B 298 28.22 12.10 -7.86
CA THR B 298 27.06 11.23 -7.72
C THR B 298 26.12 11.78 -6.65
N LEU B 299 24.87 11.98 -7.05
N LEU B 299 24.86 11.95 -7.06
CA LEU B 299 23.83 12.45 -6.12
CA LEU B 299 23.79 12.42 -6.19
C LEU B 299 22.96 11.24 -5.80
C LEU B 299 22.91 11.24 -5.80
N ILE B 300 22.92 10.87 -4.52
CA ILE B 300 22.21 9.68 -4.06
C ILE B 300 20.87 10.05 -3.44
N LEU B 301 19.78 9.43 -3.92
CA LEU B 301 18.44 9.69 -3.42
C LEU B 301 17.77 8.41 -2.92
N GLY B 302 16.78 8.58 -2.03
CA GLY B 302 15.91 7.48 -1.65
C GLY B 302 14.75 7.33 -2.61
N GLY B 303 13.54 7.14 -2.08
CA GLY B 303 12.35 6.99 -2.92
C GLY B 303 11.32 6.18 -2.16
N GLY B 304 10.69 5.22 -2.82
CA GLY B 304 9.76 4.34 -2.14
C GLY B 304 10.42 3.47 -1.07
N GLY B 305 9.60 2.75 -0.32
CA GLY B 305 10.08 1.88 0.73
C GLY B 305 9.05 1.94 1.82
N PHE B 306 8.27 0.86 1.96
CA PHE B 306 7.07 0.87 2.78
C PHE B 306 7.11 -0.15 3.90
N ASN B 307 8.25 -0.81 4.07
CA ASN B 307 8.59 -1.46 5.32
C ASN B 307 9.63 -0.53 5.91
N LEU B 308 9.26 0.22 6.95
CA LEU B 308 10.08 1.34 7.38
C LEU B 308 11.39 0.89 7.98
N ALA B 309 11.36 -0.15 8.81
CA ALA B 309 12.60 -0.67 9.38
C ALA B 309 13.50 -1.24 8.28
N ASN B 310 12.91 -1.94 7.30
CA ASN B 310 13.75 -2.47 6.22
C ASN B 310 14.34 -1.39 5.35
N THR B 311 13.58 -0.30 5.15
CA THR B 311 14.11 0.84 4.38
C THR B 311 15.28 1.46 5.13
N ALA B 312 15.15 1.61 6.45
CA ALA B 312 16.28 2.08 7.24
C ALA B 312 17.46 1.10 7.16
N ARG B 313 17.20 -0.20 7.27
CA ARG B 313 18.28 -1.19 7.12
C ARG B 313 18.99 -1.01 5.78
N CYS B 314 18.20 -0.86 4.73
CA CYS B 314 18.77 -0.78 3.39
C CYS B 314 19.63 0.46 3.23
N TRP B 315 19.08 1.63 3.54
CA TRP B 315 19.80 2.85 3.30
C TRP B 315 20.97 3.01 4.26
N THR B 316 20.86 2.45 5.47
CA THR B 316 22.02 2.45 6.38
C THR B 316 23.15 1.57 5.80
N TYR B 317 22.81 0.38 5.35
CA TYR B 317 23.78 -0.49 4.69
C TYR B 317 24.44 0.22 3.49
N LEU B 318 23.63 0.86 2.64
CA LEU B 318 24.16 1.54 1.46
C LEU B 318 25.04 2.75 1.85
N THR B 319 24.71 3.41 2.95
CA THR B 319 25.59 4.49 3.46
C THR B 319 26.95 3.89 3.85
N GLY B 320 26.92 2.72 4.49
CA GLY B 320 28.15 1.99 4.77
C GLY B 320 28.94 1.66 3.50
N VAL B 321 28.26 1.22 2.44
CA VAL B 321 28.91 0.97 1.17
C VAL B 321 29.61 2.23 0.62
N ILE B 322 28.91 3.36 0.65
CA ILE B 322 29.49 4.63 0.20
C ILE B 322 30.76 4.97 0.97
N LEU B 323 30.77 4.68 2.26
CA LEU B 323 31.88 4.99 3.15
C LEU B 323 32.97 3.92 3.16
N GLY B 324 32.74 2.81 2.47
CA GLY B 324 33.68 1.70 2.44
C GLY B 324 33.81 0.97 3.77
N LYS B 325 32.73 0.92 4.54
CA LYS B 325 32.75 0.33 5.87
C LYS B 325 31.92 -0.93 5.95
N THR B 326 32.37 -1.88 6.76
CA THR B 326 31.55 -3.04 7.07
C THR B 326 30.87 -2.79 8.41
N LEU B 327 29.54 -2.87 8.43
CA LEU B 327 28.78 -2.58 9.63
C LEU B 327 28.52 -3.85 10.41
N SER B 328 28.42 -3.72 11.74
CA SER B 328 28.01 -4.85 12.55
C SER B 328 26.64 -5.36 12.14
N SER B 329 26.50 -6.68 12.14
N SER B 329 26.47 -6.68 12.12
CA SER B 329 25.24 -7.35 11.85
CA SER B 329 25.17 -7.28 11.81
C SER B 329 24.16 -7.01 12.87
C SER B 329 24.13 -7.05 12.89
N GLU B 330 24.57 -6.79 14.11
CA GLU B 330 23.62 -6.57 15.21
C GLU B 330 23.13 -5.13 15.18
N ILE B 331 21.82 -4.94 15.06
CA ILE B 331 21.25 -3.58 15.10
C ILE B 331 21.57 -3.00 16.47
N PRO B 332 22.21 -1.82 16.52
N PRO B 332 22.20 -1.82 16.52
CA PRO B 332 22.47 -1.23 17.85
CA PRO B 332 22.49 -1.19 17.82
C PRO B 332 21.21 -0.71 18.52
C PRO B 332 21.21 -0.70 18.51
N ASP B 333 21.18 -0.73 19.85
CA ASP B 333 20.08 -0.12 20.55
C ASP B 333 19.99 1.36 20.18
N HIS B 334 18.76 1.83 19.99
CA HIS B 334 18.48 3.22 19.61
C HIS B 334 16.99 3.44 19.75
N GLU B 335 16.52 4.63 19.36
CA GLU B 335 15.12 4.98 19.60
C GLU B 335 14.10 3.96 19.08
N PHE B 336 14.38 3.38 17.92
CA PHE B 336 13.41 2.52 17.25
C PHE B 336 13.83 1.05 17.26
N PHE B 337 14.73 0.66 18.18
CA PHE B 337 15.24 -0.71 18.20
C PHE B 337 14.15 -1.77 18.22
N THR B 338 13.07 -1.51 18.96
N THR B 338 13.05 -1.50 18.94
CA THR B 338 12.00 -2.50 19.10
CA THR B 338 11.98 -2.47 19.11
C THR B 338 11.28 -2.81 17.79
C THR B 338 11.30 -2.82 17.78
N ALA B 339 11.47 -1.98 16.77
CA ALA B 339 10.88 -2.21 15.45
C ALA B 339 11.68 -3.20 14.59
N TYR B 340 12.83 -3.66 15.09
CA TYR B 340 13.74 -4.44 14.27
C TYR B 340 13.63 -5.95 14.46
N GLY B 341 12.54 -6.39 15.08
CA GLY B 341 12.33 -7.80 15.30
C GLY B 341 11.88 -8.53 14.05
N PRO B 342 11.85 -9.87 14.09
CA PRO B 342 12.18 -10.67 15.27
C PRO B 342 13.67 -10.98 15.47
N ASP B 343 14.54 -10.63 14.54
CA ASP B 343 15.94 -11.05 14.68
C ASP B 343 16.93 -9.94 15.01
N TYR B 344 16.54 -8.69 14.84
CA TYR B 344 17.36 -7.55 15.27
C TYR B 344 18.73 -7.54 14.60
N VAL B 345 18.75 -7.92 13.33
CA VAL B 345 19.98 -7.88 12.54
C VAL B 345 19.78 -6.97 11.32
N LEU B 346 20.91 -6.52 10.75
CA LEU B 346 20.90 -5.61 9.60
C LEU B 346 20.50 -6.31 8.31
N GLU B 347 20.85 -7.59 8.17
CA GLU B 347 20.59 -8.36 6.96
C GLU B 347 19.12 -8.67 6.80
N ILE B 348 18.69 -8.75 5.55
CA ILE B 348 17.31 -9.10 5.22
C ILE B 348 17.34 -10.42 4.46
N THR B 349 16.46 -11.34 4.85
CA THR B 349 16.37 -12.65 4.20
C THR B 349 15.30 -12.60 3.10
N PRO B 350 15.61 -13.09 1.88
CA PRO B 350 14.57 -13.12 0.85
C PRO B 350 13.40 -14.03 1.22
N SER B 351 12.22 -13.68 0.70
CA SER B 351 11.01 -14.51 0.87
C SER B 351 11.11 -15.78 0.05
N CYS B 352 10.43 -16.83 0.49
N CYS B 352 10.43 -16.83 0.50
CA CYS B 352 10.41 -18.08 -0.25
CA CYS B 352 10.43 -18.08 -0.24
C CYS B 352 9.29 -18.08 -1.26
C CYS B 352 9.31 -18.10 -1.27
N ARG B 353 9.47 -17.32 -2.33
CA ARG B 353 8.48 -17.32 -3.40
C ARG B 353 9.16 -17.31 -4.78
N PRO B 354 8.42 -17.66 -5.84
N PRO B 354 8.43 -17.68 -5.84
CA PRO B 354 9.13 -17.88 -7.11
CA PRO B 354 9.06 -17.85 -7.16
C PRO B 354 9.58 -16.60 -7.80
C PRO B 354 9.59 -16.57 -7.78
N ASP B 355 10.67 -16.72 -8.54
CA ASP B 355 11.11 -15.67 -9.44
C ASP B 355 10.37 -15.87 -10.76
N ARG B 356 9.54 -14.89 -11.13
CA ARG B 356 8.71 -15.00 -12.33
C ARG B 356 9.43 -14.54 -13.60
N ASN B 357 10.71 -14.18 -13.48
CA ASN B 357 11.50 -13.74 -14.64
C ASN B 357 12.11 -14.89 -15.40
N GLU B 358 11.67 -15.07 -16.64
CA GLU B 358 12.21 -16.15 -17.46
C GLU B 358 13.52 -15.71 -18.09
N PRO B 359 14.52 -16.59 -18.06
CA PRO B 359 15.81 -16.21 -18.65
C PRO B 359 15.74 -15.79 -20.13
N HIS B 360 14.90 -16.41 -20.94
CA HIS B 360 14.83 -15.98 -22.34
C HIS B 360 14.31 -14.54 -22.45
N ARG B 361 13.37 -14.16 -21.61
CA ARG B 361 12.80 -12.82 -21.70
C ARG B 361 13.80 -11.77 -21.25
N ILE B 362 14.53 -12.05 -20.18
CA ILE B 362 15.56 -11.13 -19.75
C ILE B 362 16.61 -10.97 -20.85
N GLN B 363 16.99 -12.06 -21.51
CA GLN B 363 17.97 -11.96 -22.59
C GLN B 363 17.44 -11.10 -23.73
N GLN B 364 16.17 -11.27 -24.10
CA GLN B 364 15.57 -10.42 -25.12
C GLN B 364 15.61 -8.95 -24.78
N ILE B 365 15.29 -8.63 -23.53
CA ILE B 365 15.32 -7.24 -23.07
C ILE B 365 16.73 -6.66 -23.19
N LEU B 366 17.73 -7.41 -22.73
CA LEU B 366 19.11 -6.98 -22.80
C LEU B 366 19.55 -6.79 -24.26
N ASN B 367 19.15 -7.72 -25.13
CA ASN B 367 19.48 -7.60 -26.56
C ASN B 367 18.90 -6.33 -27.16
N TYR B 368 17.66 -6.03 -26.80
CA TYR B 368 16.97 -4.89 -27.36
C TYR B 368 17.64 -3.61 -26.90
N ILE B 369 17.99 -3.54 -25.61
CA ILE B 369 18.68 -2.38 -25.06
C ILE B 369 20.05 -2.17 -25.73
N LYS B 370 20.81 -3.25 -25.91
N LYS B 370 20.80 -3.25 -25.90
CA LYS B 370 22.09 -3.15 -26.56
CA LYS B 370 22.10 -3.14 -26.57
C LYS B 370 21.95 -2.59 -27.98
C LYS B 370 21.95 -2.58 -27.98
N GLY B 371 20.92 -3.02 -28.69
CA GLY B 371 20.66 -2.51 -30.04
C GLY B 371 20.30 -1.02 -30.03
N ASN B 372 19.48 -0.62 -29.06
CA ASN B 372 19.15 0.80 -28.89
C ASN B 372 20.39 1.66 -28.65
N LEU B 373 21.26 1.18 -27.77
CA LEU B 373 22.42 1.97 -27.35
C LEU B 373 23.49 2.08 -28.44
N LYS B 374 23.43 1.20 -29.44
CA LYS B 374 24.30 1.33 -30.60
C LYS B 374 24.09 2.67 -31.30
N HIS B 375 22.87 3.21 -31.19
CA HIS B 375 22.55 4.49 -31.82
C HIS B 375 23.09 5.68 -31.04
N VAL B 376 23.44 5.48 -29.78
CA VAL B 376 23.93 6.57 -28.92
C VAL B 376 25.38 6.88 -29.23
C ACE C 1 4.85 -12.04 11.87
O ACE C 1 4.03 -12.16 10.94
CH3 ACE C 1 5.57 -13.21 12.44
N ARG C 2 5.13 -10.85 12.42
N ARG C 2 5.11 -10.86 12.42
CA ARG C 2 4.51 -9.61 11.96
CA ARG C 2 4.45 -9.63 11.99
C ARG C 2 4.88 -9.33 10.51
C ARG C 2 4.89 -9.15 10.60
N HIS C 3 3.90 -8.85 9.78
CA HIS C 3 4.06 -8.40 8.40
C HIS C 3 3.49 -7.00 8.28
OH ALY C 4 8.54 -0.90 9.50
CH ALY C 4 8.07 -1.97 9.92
CH3 ALY C 4 8.87 -2.92 10.77
NZ ALY C 4 6.78 -2.34 9.62
CE ALY C 4 5.84 -1.60 8.80
CD ALY C 4 4.78 -2.49 8.13
CG ALY C 4 5.43 -3.49 7.19
CB ALY C 4 4.36 -4.03 6.25
CA ALY C 4 3.34 -5.01 6.88
N ALY C 4 3.94 -6.26 7.28
C ALY C 4 2.29 -5.26 5.81
O ALY C 4 2.48 -6.04 4.87
OH ALY C 5 -7.52 -5.13 3.44
CH ALY C 5 -7.42 -4.81 4.63
CH3 ALY C 5 -8.63 -4.58 5.50
NZ ALY C 5 -6.20 -4.68 5.21
CE ALY C 5 -4.97 -4.89 4.49
CD ALY C 5 -3.77 -4.64 5.40
CG ALY C 5 -2.45 -4.77 4.65
CB ALY C 5 -1.29 -4.53 5.60
CA ALY C 5 0.10 -4.64 4.92
N ALY C 5 1.17 -4.54 5.90
C ALY C 5 0.17 -3.56 3.83
O ALY C 5 -0.13 -3.83 2.66
N MCM C 6 0.54 -2.34 4.24
CA MCM C 6 0.65 -1.21 3.44
C2 MCM C 6 0.45 0.02 4.06
C3 MCM C 6 0.57 1.19 3.35
C4 MCM C 6 0.46 3.58 3.33
C5 MCM C 6 0.84 3.63 1.98
C6 MCM C 6 1.13 2.49 1.24
C7 MCM C 6 0.95 1.19 1.95
C8 MCM C 6 1.15 -0.05 1.36
C9 MCM C 6 0.97 -1.22 2.09
C10 MCM C 6 1.56 2.51 -0.21
O1 MCM C 6 0.33 2.38 3.98
O2 MCM C 6 0.24 4.58 4.02
C ACE D 1 -4.51 6.24 -16.55
O ACE D 1 -3.37 5.77 -16.41
CH3 ACE D 1 -5.30 6.09 -17.81
N ARG D 2 -5.11 6.93 -15.58
CA ARG D 2 -4.37 7.10 -14.34
C ARG D 2 -4.42 5.81 -13.53
N HIS D 3 -3.29 5.49 -12.95
CA HIS D 3 -3.16 4.33 -12.11
C HIS D 3 -3.02 4.80 -10.67
OH ALY D 4 -6.74 7.25 -10.14
OH ALY D 4 -9.99 5.98 -6.76
CH ALY D 4 -7.63 6.42 -9.87
CH ALY D 4 -9.51 6.13 -7.90
CH3 ALY D 4 -8.58 5.93 -10.93
CH3 ALY D 4 -10.41 6.27 -9.10
NZ ALY D 4 -7.79 5.91 -8.59
NZ ALY D 4 -8.16 6.17 -8.21
CE ALY D 4 -6.97 6.29 -7.49
CE ALY D 4 -7.05 6.08 -7.32
CD ALY D 4 -5.56 5.69 -7.45
CD ALY D 4 -5.74 5.57 -7.93
CG ALY D 4 -5.63 4.19 -7.65
CG ALY D 4 -5.68 4.06 -7.80
CB ALY D 4 -4.28 3.57 -7.42
CB ALY D 4 -4.29 3.62 -7.44
CA ALY D 4 -3.17 4.15 -8.33
CA ALY D 4 -3.16 4.17 -8.34
N ALY D 4 -3.37 3.91 -9.74
N ALY D 4 -3.40 3.93 -9.74
C ALY D 4 -1.90 3.43 -7.89
C ALY D 4 -1.90 3.44 -7.91
O ALY D 4 -1.60 2.28 -8.24
O ALY D 4 -1.61 2.29 -8.25
OH ALY D 5 7.60 4.44 -4.67
CH ALY D 5 7.13 5.58 -4.81
CH3 ALY D 5 8.00 6.80 -4.58
NZ ALY D 5 5.85 5.78 -5.15
CE ALY D 5 4.92 4.69 -5.40
CD ALY D 5 3.55 5.21 -5.78
CG ALY D 5 2.56 4.09 -5.96
CB ALY D 5 1.21 4.67 -6.34
CA ALY D 5 0.12 3.59 -6.53
N ALY D 5 -1.13 4.13 -7.07
C ALY D 5 -0.05 2.83 -5.21
O ALY D 5 0.56 1.77 -4.97
N MCM D 6 -0.88 3.40 -4.32
CA MCM D 6 -1.19 2.95 -3.05
C2 MCM D 6 -1.59 3.92 -2.14
C3 MCM D 6 -1.94 3.56 -0.85
C4 MCM D 6 -2.66 4.18 1.32
C5 MCM D 6 -2.70 2.84 1.74
C6 MCM D 6 -2.37 1.78 0.93
C7 MCM D 6 -1.95 2.14 -0.45
C8 MCM D 6 -1.55 1.19 -1.39
C9 MCM D 6 -1.16 1.62 -2.66
C10 MCM D 6 -2.42 0.36 1.37
O1 MCM D 6 -2.30 4.52 0.06
O2 MCM D 6 -2.98 5.11 2.08
ZN ZN E . -7.54 -6.78 2.28
K K F . -10.02 -13.41 2.54
K K G . -13.51 -22.17 14.27
K K H . 12.87 2.22 -11.18
ZN ZN I . 8.41 2.96 -5.71
K K J . 16.68 11.61 -22.28
C1 GOL K . 14.25 19.78 -20.25
O1 GOL K . 15.64 19.52 -20.43
C2 GOL K . 13.97 20.27 -18.84
O2 GOL K . 13.49 21.61 -18.86
C3 GOL K . 12.94 19.40 -18.12
O3 GOL K . 11.73 19.25 -18.86
C1 GOL L . 0.19 -9.95 11.04
O1 GOL L . 1.28 -9.04 11.03
C2 GOL L . 0.02 -10.67 12.38
O2 GOL L . 1.20 -11.37 12.71
C3 GOL L . -0.26 -9.66 13.49
O3 GOL L . -0.66 -10.35 14.65
#